data_6X84
#
_entry.id   6X84
#
_cell.length_a   43.936
_cell.length_b   46.724
_cell.length_c   94.792
_cell.angle_alpha   90.890
_cell.angle_beta   98.530
_cell.angle_gamma   105.130
#
_symmetry.space_group_name_H-M   'P 1'
#
loop_
_entity.id
_entity.type
_entity.pdbx_description
1 polymer 'sn-glycerol-3-phosphate-binding periplasmic protein UgpB'
2 non-polymer GLYCEROL
3 water water
#
_entity_poly.entity_id   1
_entity_poly.type   'polypeptide(L)'
_entity_poly.pdbx_seq_one_letter_code
;SVTTIPFWHSMEGELGKEVDSLAQRFNAENPDYKIVPTYKGNYEQNLSAGIAAFRTGNAPAILQVYEVGTATMMASKAIK
PVYDVFKEAGIQFDESQFVPTVSGYYSDSKTGHLLSQPFNSSTPVLYYNKDAFKKAGLDPEQPPKTWQDLADYAAKLKAS
GMKCGYASGSQGSIQLENFSAWNGLPFASKNNGFDGTDAVLEFNKPEQVKHIAMLEEMNKKGDFSYVGRKDESTEKFYNG
DCAMTTASSGSLANIREYAKFNYGVGMMPYDADAKDAPQNAIIGGASLWVMQGKDKETYTGVAKFLDFLAKPENAAEWHQ
KTGYLPITKAAYDLTREQGFYEKNPGADTATRQMLNKPPLPFTKGLRLGNMPQIRVIVDEELESVWTGKKTPQQALDTAV
ERGNQLLRRFEKSTKS
;
_entity_poly.pdbx_strand_id   A,B
#
loop_
_chem_comp.id
_chem_comp.type
_chem_comp.name
_chem_comp.formula
GOL non-polymer GLYCEROL 'C3 H8 O3'
#
# COMPACT_ATOMS: atom_id res chain seq x y z
N SER A 1 -26.78 -30.88 15.51
CA SER A 1 -25.91 -29.82 16.08
C SER A 1 -26.48 -28.44 15.76
N VAL A 2 -25.99 -27.42 16.48
CA VAL A 2 -26.27 -26.01 16.13
C VAL A 2 -24.93 -25.32 15.99
N THR A 3 -24.65 -24.86 14.79
CA THR A 3 -23.39 -24.21 14.47
C THR A 3 -23.56 -22.71 14.58
N THR A 4 -22.80 -22.07 15.46
CA THR A 4 -22.84 -20.63 15.61
C THR A 4 -22.05 -19.97 14.49
N ILE A 5 -22.66 -18.95 13.88
CA ILE A 5 -22.15 -18.30 12.69
C ILE A 5 -22.08 -16.81 12.95
N PRO A 6 -20.91 -16.29 13.33
CA PRO A 6 -20.80 -14.85 13.62
C PRO A 6 -20.94 -14.03 12.35
N PHE A 7 -21.71 -12.95 12.47
CA PHE A 7 -21.96 -12.02 11.38
C PHE A 7 -21.70 -10.61 11.89
N TRP A 8 -20.60 -9.99 11.45
CA TRP A 8 -20.21 -8.68 11.95
C TRP A 8 -20.67 -7.63 10.96
N HIS A 9 -21.35 -6.60 11.46
CA HIS A 9 -21.95 -5.62 10.57
C HIS A 9 -21.88 -4.23 11.17
N SER A 10 -22.40 -3.26 10.39
CA SER A 10 -22.31 -1.84 10.69
C SER A 10 -23.68 -1.20 10.81
N MET A 11 -24.74 -1.97 10.98
CA MET A 11 -26.10 -1.42 10.99
C MET A 11 -26.46 -1.00 12.40
N GLU A 12 -26.66 0.30 12.60
CA GLU A 12 -27.06 0.86 13.89
C GLU A 12 -28.57 0.94 14.02
N GLY A 13 -29.03 1.16 15.26
CA GLY A 13 -30.40 1.56 15.50
C GLY A 13 -31.43 0.61 14.91
N GLU A 14 -32.45 1.18 14.27
CA GLU A 14 -33.53 0.37 13.72
C GLU A 14 -33.04 -0.54 12.60
N LEU A 15 -32.05 -0.12 11.83
CA LEU A 15 -31.52 -1.03 10.83
C LEU A 15 -30.87 -2.23 11.48
N GLY A 16 -30.14 -2.01 12.58
CA GLY A 16 -29.56 -3.14 13.31
C GLY A 16 -30.63 -4.05 13.88
N LYS A 17 -31.74 -3.46 14.33
CA LYS A 17 -32.82 -4.30 14.85
C LYS A 17 -33.42 -5.13 13.74
N GLU A 18 -33.51 -4.57 12.53
CA GLU A 18 -34.00 -5.39 11.42
C GLU A 18 -33.05 -6.53 11.08
N VAL A 19 -31.74 -6.28 11.11
CA VAL A 19 -30.78 -7.39 10.94
C VAL A 19 -31.03 -8.48 12.00
N ASP A 20 -31.20 -8.06 13.25
CA ASP A 20 -31.46 -9.05 14.32
C ASP A 20 -32.73 -9.82 14.04
N SER A 21 -33.79 -9.14 13.58
CA SER A 21 -35.06 -9.82 13.31
C SER A 21 -34.92 -10.86 12.21
N LEU A 22 -34.18 -10.53 11.15
CA LEU A 22 -33.96 -11.48 10.09
C LEU A 22 -33.13 -12.66 10.57
N ALA A 23 -32.10 -12.41 11.38
CA ALA A 23 -31.31 -13.53 11.90
C ALA A 23 -32.17 -14.42 12.78
N GLN A 24 -33.02 -13.81 13.60
CA GLN A 24 -33.90 -14.60 14.48
C GLN A 24 -34.87 -15.44 13.66
N ARG A 25 -35.40 -14.90 12.57
CA ARG A 25 -36.29 -15.70 11.74
C ARG A 25 -35.54 -16.83 11.06
N PHE A 26 -34.37 -16.53 10.49
CA PHE A 26 -33.54 -17.57 9.90
C PHE A 26 -33.25 -18.68 10.91
N ASN A 27 -32.88 -18.29 12.13
CA ASN A 27 -32.47 -19.27 13.13
C ASN A 27 -33.66 -20.14 13.52
N ALA A 28 -34.86 -19.57 13.59
CA ALA A 28 -36.06 -20.36 13.85
C ALA A 28 -36.35 -21.34 12.72
N GLU A 29 -36.15 -20.91 11.46
CA GLU A 29 -36.46 -21.72 10.29
C GLU A 29 -35.40 -22.77 9.99
N ASN A 30 -34.18 -22.58 10.51
CA ASN A 30 -33.01 -23.40 10.15
C ASN A 30 -32.31 -23.76 11.45
N PRO A 31 -32.89 -24.71 12.20
CA PRO A 31 -32.48 -24.88 13.61
C PRO A 31 -31.10 -25.50 13.80
N ASP A 32 -30.41 -25.93 12.74
CA ASP A 32 -29.05 -26.43 12.86
C ASP A 32 -28.02 -25.32 12.81
N TYR A 33 -28.44 -24.06 12.60
CA TYR A 33 -27.50 -22.97 12.44
C TYR A 33 -27.97 -21.82 13.30
N LYS A 34 -27.05 -21.06 13.84
CA LYS A 34 -27.40 -19.87 14.59
C LYS A 34 -26.56 -18.68 14.13
N ILE A 35 -27.16 -17.83 13.30
CA ILE A 35 -26.51 -16.59 12.93
C ILE A 35 -26.49 -15.67 14.15
N VAL A 36 -25.33 -15.12 14.47
CA VAL A 36 -25.16 -14.23 15.60
C VAL A 36 -24.65 -12.90 15.07
N PRO A 37 -25.53 -11.93 14.85
CA PRO A 37 -25.06 -10.62 14.38
C PRO A 37 -24.42 -9.84 15.53
N THR A 38 -23.32 -9.14 15.23
CA THR A 38 -22.71 -8.22 16.18
C THR A 38 -22.40 -6.93 15.44
N TYR A 39 -22.85 -5.81 16.00
CA TYR A 39 -22.44 -4.51 15.52
C TYR A 39 -20.98 -4.24 15.91
N LYS A 40 -20.15 -3.98 14.92
CA LYS A 40 -18.74 -3.73 15.16
C LYS A 40 -18.29 -2.29 14.89
N GLY A 41 -19.19 -1.39 14.54
CA GLY A 41 -18.85 0.00 14.27
C GLY A 41 -19.18 0.38 12.85
N ASN A 42 -18.64 1.52 12.42
CA ASN A 42 -18.95 2.04 11.10
C ASN A 42 -18.29 1.19 10.02
N TYR A 43 -18.50 1.55 8.75
CA TYR A 43 -18.02 0.69 7.67
C TYR A 43 -16.50 0.48 7.74
N GLU A 44 -15.75 1.57 7.98
CA GLU A 44 -14.30 1.50 8.04
C GLU A 44 -13.85 0.65 9.20
N GLN A 45 -14.53 0.82 10.34
CA GLN A 45 -14.17 0.05 11.53
C GLN A 45 -14.46 -1.43 11.35
N ASN A 46 -15.61 -1.77 10.75
CA ASN A 46 -15.94 -3.18 10.62
C ASN A 46 -15.00 -3.87 9.63
N LEU A 47 -14.68 -3.19 8.53
CA LEU A 47 -13.73 -3.76 7.57
C LEU A 47 -12.39 -4.01 8.25
N SER A 48 -11.85 -3.02 8.96
CA SER A 48 -10.56 -3.19 9.63
C SER A 48 -10.62 -4.31 10.65
N ALA A 49 -11.70 -4.35 11.43
CA ALA A 49 -11.85 -5.35 12.49
C ALA A 49 -11.93 -6.75 11.90
N GLY A 50 -12.66 -6.93 10.81
CA GLY A 50 -12.80 -8.25 10.24
C GLY A 50 -11.49 -8.78 9.68
N ILE A 51 -10.75 -7.92 8.98
CA ILE A 51 -9.46 -8.34 8.44
C ILE A 51 -8.47 -8.61 9.55
N ALA A 52 -8.42 -7.75 10.57
CA ALA A 52 -7.43 -7.96 11.63
C ALA A 52 -7.74 -9.26 12.37
N ALA A 53 -9.03 -9.52 12.61
CA ALA A 53 -9.42 -10.77 13.25
C ALA A 53 -9.06 -11.98 12.38
N PHE A 54 -9.24 -11.87 11.07
CA PHE A 54 -8.83 -12.96 10.19
C PHE A 54 -7.35 -13.29 10.37
N ARG A 55 -6.51 -12.26 10.47
CA ARG A 55 -5.07 -12.52 10.61
C ARG A 55 -4.71 -13.35 11.85
N THR A 56 -5.51 -13.29 12.92
CA THR A 56 -5.21 -14.04 14.11
C THR A 56 -6.06 -15.29 14.24
N GLY A 57 -6.85 -15.62 13.22
CA GLY A 57 -7.64 -16.83 13.23
C GLY A 57 -8.98 -16.69 13.88
N ASN A 58 -9.47 -15.47 14.06
CA ASN A 58 -10.70 -15.23 14.80
C ASN A 58 -11.71 -14.43 13.99
N ALA A 59 -11.67 -14.54 12.68
CA ALA A 59 -12.61 -13.78 11.86
C ALA A 59 -14.04 -14.27 12.11
N PRO A 60 -15.03 -13.39 11.92
CA PRO A 60 -16.41 -13.86 11.81
C PRO A 60 -16.57 -14.69 10.55
N ALA A 61 -17.73 -15.34 10.41
CA ALA A 61 -18.02 -16.05 9.18
C ALA A 61 -18.50 -15.10 8.09
N ILE A 62 -19.27 -14.07 8.45
CA ILE A 62 -19.87 -13.15 7.48
C ILE A 62 -19.48 -11.76 7.92
N LEU A 63 -19.09 -10.92 6.94
CA LEU A 63 -18.65 -9.53 7.21
C LEU A 63 -19.37 -8.61 6.24
N GLN A 64 -20.13 -7.64 6.78
CA GLN A 64 -20.71 -6.62 5.91
C GLN A 64 -19.64 -5.59 5.56
N VAL A 65 -19.46 -5.35 4.27
CA VAL A 65 -18.45 -4.39 3.81
C VAL A 65 -19.06 -3.46 2.78
N TYR A 66 -18.83 -2.15 2.96
CA TYR A 66 -19.34 -1.20 1.98
C TYR A 66 -18.77 -1.45 0.57
N GLU A 67 -19.49 -0.91 -0.41
CA GLU A 67 -19.20 -1.14 -1.81
C GLU A 67 -17.77 -0.69 -2.15
N VAL A 68 -17.30 0.42 -1.57
CA VAL A 68 -15.96 0.91 -1.88
C VAL A 68 -14.87 0.09 -1.22
N GLY A 69 -15.19 -0.88 -0.38
CA GLY A 69 -14.23 -1.82 0.18
C GLY A 69 -14.10 -3.08 -0.61
N THR A 70 -14.77 -3.21 -1.75
CA THR A 70 -14.75 -4.45 -2.49
C THR A 70 -13.34 -4.82 -2.95
N ALA A 71 -12.59 -3.89 -3.54
CA ALA A 71 -11.23 -4.22 -3.97
C ALA A 71 -10.38 -4.64 -2.78
N THR A 72 -10.56 -3.99 -1.62
CA THR A 72 -9.81 -4.35 -0.42
C THR A 72 -10.08 -5.79 -0.05
N MET A 73 -11.35 -6.19 -0.02
CA MET A 73 -11.67 -7.58 0.34
C MET A 73 -11.09 -8.55 -0.67
N MET A 74 -11.13 -8.19 -1.95
CA MET A 74 -10.57 -9.09 -2.96
CA MET A 74 -10.57 -9.05 -2.98
C MET A 74 -9.06 -9.24 -2.81
N ALA A 75 -8.38 -8.19 -2.39
CA ALA A 75 -6.93 -8.25 -2.20
C ALA A 75 -6.53 -8.86 -0.87
N SER A 76 -7.47 -9.11 0.03
CA SER A 76 -7.10 -9.46 1.39
C SER A 76 -6.65 -10.90 1.53
N LYS A 77 -6.96 -11.76 0.55
CA LYS A 77 -6.74 -13.19 0.69
C LYS A 77 -7.52 -13.81 1.84
N ALA A 78 -8.59 -13.14 2.26
CA ALA A 78 -9.32 -13.57 3.44
C ALA A 78 -10.73 -14.05 3.15
N ILE A 79 -11.17 -14.02 1.89
CA ILE A 79 -12.59 -14.26 1.58
C ILE A 79 -12.75 -15.50 0.72
N LYS A 80 -13.93 -16.13 0.86
CA LYS A 80 -14.37 -17.22 -0.01
C LYS A 80 -15.53 -16.70 -0.85
N PRO A 81 -15.42 -16.65 -2.18
CA PRO A 81 -16.51 -16.06 -2.99
C PRO A 81 -17.84 -16.75 -2.69
N VAL A 82 -18.92 -15.95 -2.64
CA VAL A 82 -20.24 -16.50 -2.34
C VAL A 82 -20.59 -17.66 -3.26
N TYR A 83 -20.27 -17.54 -4.55
CA TYR A 83 -20.54 -18.64 -5.48
C TYR A 83 -19.90 -19.93 -5.00
N ASP A 84 -18.66 -19.86 -4.51
CA ASP A 84 -17.95 -21.05 -4.03
C ASP A 84 -18.54 -21.56 -2.72
N VAL A 85 -19.04 -20.65 -1.88
CA VAL A 85 -19.65 -21.08 -0.63
C VAL A 85 -20.86 -21.97 -0.91
N PHE A 86 -21.74 -21.52 -1.82
CA PHE A 86 -22.88 -22.32 -2.22
C PHE A 86 -22.45 -23.65 -2.84
N LYS A 87 -21.49 -23.60 -3.77
CA LYS A 87 -21.07 -24.81 -4.47
C LYS A 87 -20.53 -25.82 -3.47
N GLU A 88 -19.74 -25.35 -2.51
CA GLU A 88 -19.14 -26.30 -1.60
C GLU A 88 -20.14 -26.84 -0.58
N ALA A 89 -21.16 -26.04 -0.25
CA ALA A 89 -22.27 -26.49 0.57
C ALA A 89 -23.21 -27.42 -0.15
N GLY A 90 -23.10 -27.52 -1.47
CA GLY A 90 -24.04 -28.31 -2.24
C GLY A 90 -25.44 -27.72 -2.31
N ILE A 91 -25.54 -26.40 -2.27
CA ILE A 91 -26.83 -25.70 -2.32
C ILE A 91 -26.94 -24.97 -3.64
N GLN A 92 -28.02 -25.24 -4.36
CA GLN A 92 -28.23 -24.60 -5.66
C GLN A 92 -28.28 -23.09 -5.51
N PHE A 93 -27.69 -22.39 -6.47
CA PHE A 93 -27.51 -20.94 -6.35
C PHE A 93 -27.81 -20.30 -7.71
N ASP A 94 -28.96 -19.68 -7.80
CA ASP A 94 -29.41 -19.03 -9.04
C ASP A 94 -28.97 -17.58 -9.00
N GLU A 95 -27.92 -17.26 -9.74
CA GLU A 95 -27.45 -15.88 -9.73
C GLU A 95 -28.31 -14.97 -10.58
N SER A 96 -29.19 -15.53 -11.41
CA SER A 96 -30.04 -14.69 -12.23
C SER A 96 -31.16 -14.04 -11.44
N GLN A 97 -31.41 -14.44 -10.19
CA GLN A 97 -32.53 -13.85 -9.46
C GLN A 97 -32.25 -12.40 -9.10
N PHE A 98 -30.98 -12.02 -8.95
CA PHE A 98 -30.65 -10.66 -8.55
C PHE A 98 -30.87 -9.70 -9.69
N VAL A 99 -31.25 -8.48 -9.32
CA VAL A 99 -31.25 -7.41 -10.32
C VAL A 99 -29.82 -7.30 -10.84
N PRO A 100 -29.56 -7.35 -12.16
CA PRO A 100 -28.16 -7.56 -12.59
C PRO A 100 -27.24 -6.40 -12.28
N THR A 101 -27.77 -5.17 -12.23
CA THR A 101 -26.94 -4.05 -11.83
C THR A 101 -26.83 -3.87 -10.32
N VAL A 102 -27.47 -4.75 -9.54
CA VAL A 102 -27.23 -4.81 -8.10
C VAL A 102 -26.18 -5.86 -7.79
N SER A 103 -26.35 -7.09 -8.30
CA SER A 103 -25.32 -8.10 -8.08
C SER A 103 -24.06 -7.84 -8.90
N GLY A 104 -24.19 -7.10 -10.01
CA GLY A 104 -23.08 -6.92 -10.91
C GLY A 104 -21.90 -6.24 -10.25
N TYR A 105 -22.17 -5.32 -9.31
CA TYR A 105 -21.12 -4.59 -8.63
C TYR A 105 -20.18 -5.53 -7.90
N TYR A 106 -20.69 -6.68 -7.48
CA TYR A 106 -20.03 -7.62 -6.59
C TYR A 106 -19.70 -8.92 -7.29
N SER A 107 -19.62 -8.93 -8.61
CA SER A 107 -19.42 -10.16 -9.36
C SER A 107 -18.04 -10.20 -9.99
N ASP A 108 -17.65 -11.43 -10.32
CA ASP A 108 -16.33 -11.73 -10.86
C ASP A 108 -16.31 -11.31 -12.32
N SER A 109 -15.25 -10.61 -12.72
CA SER A 109 -15.22 -10.05 -14.07
C SER A 109 -15.09 -11.13 -15.13
N LYS A 110 -14.40 -12.23 -14.83
CA LYS A 110 -14.17 -13.28 -15.80
C LYS A 110 -15.36 -14.24 -15.87
N THR A 111 -15.91 -14.62 -14.72
CA THR A 111 -16.93 -15.66 -14.69
C THR A 111 -18.34 -15.13 -14.51
N GLY A 112 -18.50 -13.89 -14.06
CA GLY A 112 -19.81 -13.39 -13.72
C GLY A 112 -20.35 -13.84 -12.39
N HIS A 113 -19.67 -14.75 -11.71
CA HIS A 113 -20.23 -15.28 -10.48
C HIS A 113 -20.08 -14.31 -9.31
N LEU A 114 -20.93 -14.49 -8.30
CA LEU A 114 -20.95 -13.53 -7.21
C LEU A 114 -19.79 -13.75 -6.24
N LEU A 115 -19.07 -12.66 -5.97
CA LEU A 115 -18.01 -12.68 -4.95
C LEU A 115 -18.58 -12.41 -3.56
N SER A 116 -19.45 -11.41 -3.45
CA SER A 116 -20.13 -11.09 -2.21
C SER A 116 -21.59 -10.83 -2.55
N GLN A 117 -22.47 -10.87 -1.55
CA GLN A 117 -23.91 -10.76 -1.88
C GLN A 117 -24.40 -9.36 -1.54
N PRO A 118 -25.00 -8.63 -2.47
CA PRO A 118 -25.51 -7.30 -2.12
C PRO A 118 -26.50 -7.41 -0.96
N PHE A 119 -26.40 -6.48 -0.03
CA PHE A 119 -27.16 -6.53 1.21
C PHE A 119 -28.09 -5.33 1.27
N ASN A 120 -27.55 -4.20 1.68
CA ASN A 120 -28.24 -2.91 1.71
C ASN A 120 -27.73 -2.13 0.52
N SER A 121 -28.55 -2.03 -0.52
CA SER A 121 -28.14 -1.39 -1.76
C SER A 121 -29.03 -0.17 -2.00
N SER A 122 -28.40 0.87 -2.53
CA SER A 122 -29.07 2.13 -2.82
C SER A 122 -28.56 2.67 -4.14
N THR A 123 -29.26 3.69 -4.65
CA THR A 123 -28.80 4.43 -5.82
C THR A 123 -29.39 5.83 -5.77
N PRO A 124 -28.75 6.83 -6.35
CA PRO A 124 -29.35 8.18 -6.29
C PRO A 124 -30.57 8.31 -7.19
N VAL A 125 -31.56 9.05 -6.72
CA VAL A 125 -32.75 9.37 -7.50
C VAL A 125 -33.04 10.85 -7.37
N LEU A 126 -33.99 11.35 -8.18
CA LEU A 126 -34.38 12.76 -8.16
C LEU A 126 -35.66 12.91 -7.34
N TYR A 127 -35.56 13.60 -6.22
CA TYR A 127 -36.74 13.97 -5.45
C TYR A 127 -37.20 15.35 -5.90
N TYR A 128 -38.52 15.54 -6.01
CA TYR A 128 -38.99 16.84 -6.44
C TYR A 128 -40.29 17.19 -5.72
N ASN A 129 -40.52 18.48 -5.61
CA ASN A 129 -41.68 19.01 -4.88
C ASN A 129 -42.82 19.29 -5.87
N LYS A 130 -43.86 18.45 -5.84
CA LYS A 130 -44.96 18.59 -6.81
C LYS A 130 -45.73 19.88 -6.61
N ASP A 131 -45.85 20.34 -5.37
CA ASP A 131 -46.61 21.57 -5.14
C ASP A 131 -45.86 22.76 -5.69
N ALA A 132 -44.55 22.76 -5.51
CA ALA A 132 -43.72 23.79 -6.13
C ALA A 132 -43.81 23.74 -7.65
N PHE A 133 -43.81 22.54 -8.23
CA PHE A 133 -43.92 22.42 -9.69
C PHE A 133 -45.22 23.09 -10.17
N LYS A 134 -46.33 22.78 -9.52
CA LYS A 134 -47.59 23.37 -9.94
C LYS A 134 -47.54 24.89 -9.89
N LYS A 135 -46.99 25.47 -8.81
CA LYS A 135 -46.92 26.92 -8.69
C LYS A 135 -46.09 27.53 -9.80
N ALA A 136 -45.09 26.82 -10.29
CA ALA A 136 -44.23 27.31 -11.35
C ALA A 136 -44.77 27.00 -12.72
N GLY A 137 -45.95 26.37 -12.81
CA GLY A 137 -46.56 26.04 -14.08
C GLY A 137 -45.96 24.83 -14.75
N LEU A 138 -45.21 24.02 -14.00
CA LEU A 138 -44.67 22.77 -14.51
C LEU A 138 -45.68 21.67 -14.28
N ASP A 139 -45.55 20.56 -15.02
CA ASP A 139 -46.48 19.44 -14.79
C ASP A 139 -45.94 18.64 -13.61
N PRO A 140 -46.67 18.56 -12.51
CA PRO A 140 -46.16 17.82 -11.34
C PRO A 140 -45.93 16.33 -11.57
N GLU A 141 -46.41 15.77 -12.67
CA GLU A 141 -46.18 14.38 -12.99
C GLU A 141 -45.05 14.20 -13.97
N GLN A 142 -44.33 15.27 -14.31
CA GLN A 142 -43.26 15.20 -15.31
C GLN A 142 -42.00 15.86 -14.75
N PRO A 143 -41.27 15.17 -13.88
CA PRO A 143 -39.98 15.69 -13.46
C PRO A 143 -39.03 15.80 -14.64
N PRO A 144 -38.01 16.64 -14.55
CA PRO A 144 -37.12 16.81 -15.71
C PRO A 144 -36.34 15.52 -15.96
N LYS A 145 -36.30 15.12 -17.23
CA LYS A 145 -35.60 13.92 -17.63
C LYS A 145 -34.14 14.19 -18.00
N THR A 146 -33.78 15.43 -18.29
CA THR A 146 -32.43 15.78 -18.68
C THR A 146 -31.93 16.90 -17.81
N TRP A 147 -30.59 17.01 -17.74
CA TRP A 147 -29.98 18.06 -16.93
C TRP A 147 -30.33 19.40 -17.52
N GLN A 148 -30.40 19.48 -18.85
CA GLN A 148 -30.79 20.72 -19.52
C GLN A 148 -32.17 21.19 -19.07
N ASP A 149 -33.13 20.25 -19.04
CA ASP A 149 -34.44 20.60 -18.54
C ASP A 149 -34.41 20.92 -17.06
N LEU A 150 -33.61 20.18 -16.28
CA LEU A 150 -33.54 20.46 -14.87
C LEU A 150 -33.06 21.89 -14.61
N ALA A 151 -32.03 22.33 -15.35
CA ALA A 151 -31.54 23.70 -15.15
C ALA A 151 -32.66 24.72 -15.41
N ASP A 152 -33.46 24.51 -16.46
CA ASP A 152 -34.57 25.43 -16.77
C ASP A 152 -35.65 25.35 -15.68
N TYR A 153 -35.96 24.12 -15.21
CA TYR A 153 -36.93 23.99 -14.14
C TYR A 153 -36.47 24.70 -12.89
N ALA A 154 -35.19 24.51 -12.52
CA ALA A 154 -34.69 25.15 -11.33
C ALA A 154 -34.87 26.67 -11.40
N ALA A 155 -34.56 27.26 -12.57
CA ALA A 155 -34.73 28.69 -12.76
C ALA A 155 -36.18 29.09 -12.60
N LYS A 156 -37.10 28.30 -13.12
CA LYS A 156 -38.52 28.68 -12.99
C LYS A 156 -39.03 28.49 -11.56
N LEU A 157 -38.52 27.49 -10.85
CA LEU A 157 -38.94 27.25 -9.48
C LEU A 157 -38.41 28.35 -8.57
N LYS A 158 -37.16 28.78 -8.78
CA LYS A 158 -36.65 29.93 -8.04
C LYS A 158 -37.49 31.17 -8.34
N ALA A 159 -37.77 31.41 -9.61
CA ALA A 159 -38.48 32.62 -10.01
C ALA A 159 -39.89 32.63 -9.44
N SER A 160 -40.48 31.47 -9.20
CA SER A 160 -41.81 31.39 -8.62
C SER A 160 -41.81 31.47 -7.10
N GLY A 161 -40.64 31.53 -6.47
CA GLY A 161 -40.56 31.83 -5.06
C GLY A 161 -39.93 30.76 -4.20
N MET A 162 -39.48 29.64 -4.76
CA MET A 162 -38.72 28.69 -3.97
C MET A 162 -37.38 29.30 -3.58
N LYS A 163 -36.95 29.03 -2.36
CA LYS A 163 -35.66 29.51 -1.88
C LYS A 163 -34.50 28.92 -2.67
N CYS A 164 -34.65 27.70 -3.17
CA CYS A 164 -33.58 26.89 -3.74
C CYS A 164 -34.20 26.08 -4.87
N GLY A 165 -33.53 26.05 -6.03
CA GLY A 165 -34.02 25.33 -7.19
C GLY A 165 -33.66 23.87 -7.16
N TYR A 166 -32.37 23.59 -7.12
CA TYR A 166 -31.84 22.23 -7.09
C TYR A 166 -30.72 22.17 -6.08
N ALA A 167 -30.76 21.18 -5.19
CA ALA A 167 -29.68 20.98 -4.22
C ALA A 167 -28.99 19.65 -4.49
N SER A 168 -27.67 19.62 -4.38
CA SER A 168 -26.98 18.34 -4.39
C SER A 168 -25.95 18.32 -3.29
N GLY A 169 -25.71 17.12 -2.78
CA GLY A 169 -25.09 16.95 -1.50
C GLY A 169 -23.62 16.71 -1.60
N SER A 170 -23.04 16.49 -0.43
CA SER A 170 -21.61 16.22 -0.26
C SER A 170 -21.12 15.05 -1.10
N GLN A 171 -22.04 14.22 -1.60
CA GLN A 171 -21.70 12.95 -2.24
C GLN A 171 -21.32 13.17 -3.69
N GLY A 172 -20.37 14.08 -3.94
CA GLY A 172 -20.04 14.46 -5.30
C GLY A 172 -19.49 13.31 -6.13
N SER A 173 -18.57 12.53 -5.57
CA SER A 173 -18.02 11.37 -6.29
C SER A 173 -19.10 10.39 -6.66
N ILE A 174 -19.99 10.07 -5.72
CA ILE A 174 -21.06 9.11 -6.02
C ILE A 174 -21.92 9.65 -7.17
N GLN A 175 -22.21 10.94 -7.14
CA GLN A 175 -22.96 11.52 -8.25
C GLN A 175 -22.19 11.44 -9.59
N LEU A 176 -20.87 11.61 -9.57
CA LEU A 176 -20.09 11.54 -10.83
C LEU A 176 -19.88 10.09 -11.31
N GLU A 177 -19.74 9.16 -10.38
CA GLU A 177 -19.70 7.74 -10.71
C GLU A 177 -21.03 7.33 -11.38
N ASN A 178 -22.15 7.76 -10.78
CA ASN A 178 -23.45 7.44 -11.38
C ASN A 178 -23.67 8.23 -12.65
N PHE A 179 -23.25 9.50 -12.71
CA PHE A 179 -23.36 10.24 -13.96
C PHE A 179 -22.72 9.46 -15.09
N SER A 180 -21.52 8.94 -14.85
CA SER A 180 -20.83 8.26 -15.94
C SER A 180 -21.62 7.03 -16.39
N ALA A 181 -21.99 6.14 -15.44
CA ALA A 181 -22.72 4.93 -15.82
C ALA A 181 -24.05 5.29 -16.48
N TRP A 182 -24.79 6.24 -15.91
CA TRP A 182 -26.13 6.56 -16.41
C TRP A 182 -26.06 7.17 -17.79
N ASN A 183 -24.93 7.79 -18.14
CA ASN A 183 -24.77 8.39 -19.46
C ASN A 183 -23.99 7.52 -20.42
N GLY A 184 -23.67 6.26 -20.03
CA GLY A 184 -23.00 5.37 -20.95
C GLY A 184 -21.52 5.64 -21.10
N LEU A 185 -20.86 6.14 -20.06
CA LEU A 185 -19.46 6.53 -20.07
C LEU A 185 -18.67 5.75 -19.02
N PRO A 186 -17.41 5.40 -19.30
CA PRO A 186 -16.59 4.78 -18.23
C PRO A 186 -16.14 5.84 -17.23
N PHE A 187 -16.08 5.45 -15.95
CA PHE A 187 -15.40 6.23 -14.94
C PHE A 187 -13.90 5.89 -14.93
N ALA A 188 -13.56 4.66 -15.28
CA ALA A 188 -12.18 4.20 -15.31
C ALA A 188 -12.03 3.19 -16.43
N SER A 189 -10.78 3.01 -16.87
CA SER A 189 -10.46 2.06 -17.91
C SER A 189 -10.57 0.62 -17.37
N LYS A 190 -10.30 -0.36 -18.23
CA LYS A 190 -10.39 -1.77 -17.82
C LYS A 190 -11.80 -2.11 -17.35
N ASN A 191 -12.79 -1.52 -18.03
CA ASN A 191 -14.20 -1.75 -17.71
C ASN A 191 -14.52 -1.34 -16.28
N ASN A 192 -14.23 -0.09 -15.98
CA ASN A 192 -14.51 0.48 -14.68
C ASN A 192 -13.74 -0.25 -13.58
N GLY A 193 -12.54 -0.71 -13.92
CA GLY A 193 -11.66 -1.38 -12.98
C GLY A 193 -11.89 -2.88 -12.89
N PHE A 194 -12.96 -3.43 -13.45
CA PHE A 194 -13.25 -4.84 -13.27
C PHE A 194 -12.20 -5.73 -13.89
N ASP A 195 -11.51 -5.29 -14.95
CA ASP A 195 -10.58 -6.17 -15.65
C ASP A 195 -9.13 -5.98 -15.26
N GLY A 196 -8.85 -5.18 -14.24
CA GLY A 196 -7.50 -5.20 -13.70
C GLY A 196 -7.17 -4.05 -12.80
N THR A 197 -6.09 -4.25 -12.04
CA THR A 197 -5.62 -3.20 -11.14
C THR A 197 -4.71 -2.22 -11.84
N ASP A 198 -4.54 -2.36 -13.15
CA ASP A 198 -3.83 -1.37 -13.94
C ASP A 198 -4.77 -0.29 -14.51
N ALA A 199 -6.02 -0.24 -14.05
CA ALA A 199 -6.98 0.73 -14.56
C ALA A 199 -6.53 2.15 -14.23
N VAL A 200 -7.00 3.12 -15.06
CA VAL A 200 -6.78 4.54 -14.83
C VAL A 200 -8.13 5.25 -14.88
N LEU A 201 -8.20 6.38 -14.20
CA LEU A 201 -9.43 7.16 -14.17
C LEU A 201 -9.65 7.91 -15.47
N GLU A 202 -10.91 7.98 -15.90
CA GLU A 202 -11.27 8.52 -17.22
C GLU A 202 -12.44 9.48 -17.16
N PHE A 203 -12.78 10.03 -16.00
CA PHE A 203 -13.99 10.83 -15.87
C PHE A 203 -13.74 12.31 -16.13
N ASN A 204 -12.58 12.70 -16.66
CA ASN A 204 -12.35 14.08 -17.08
C ASN A 204 -12.58 14.26 -18.57
N LYS A 205 -13.58 13.60 -19.12
CA LYS A 205 -13.93 13.67 -20.53
C LYS A 205 -15.02 14.72 -20.76
N PRO A 206 -15.34 15.04 -22.02
CA PRO A 206 -16.18 16.22 -22.28
C PRO A 206 -17.54 16.18 -21.61
N GLU A 207 -18.18 15.00 -21.51
CA GLU A 207 -19.53 14.99 -20.94
C GLU A 207 -19.50 15.30 -19.46
N GLN A 208 -18.55 14.70 -18.73
CA GLN A 208 -18.47 15.04 -17.33
C GLN A 208 -18.11 16.50 -17.15
N VAL A 209 -17.13 17.01 -17.93
CA VAL A 209 -16.74 18.41 -17.81
C VAL A 209 -17.92 19.31 -18.10
N LYS A 210 -18.66 18.99 -19.16
CA LYS A 210 -19.86 19.78 -19.50
C LYS A 210 -20.90 19.73 -18.40
N HIS A 211 -21.08 18.56 -17.79
CA HIS A 211 -22.06 18.44 -16.74
C HIS A 211 -21.67 19.30 -15.53
N ILE A 212 -20.40 19.24 -15.14
CA ILE A 212 -19.99 20.06 -14.02
C ILE A 212 -20.09 21.55 -14.36
N ALA A 213 -19.73 21.90 -15.59
CA ALA A 213 -19.88 23.28 -16.03
C ALA A 213 -21.32 23.75 -15.96
N MET A 214 -22.28 22.89 -16.35
CA MET A 214 -23.69 23.26 -16.28
C MET A 214 -24.07 23.53 -14.84
N LEU A 215 -23.69 22.62 -13.94
CA LEU A 215 -23.99 22.84 -12.54
C LEU A 215 -23.35 24.12 -12.03
N GLU A 216 -22.13 24.40 -12.49
CA GLU A 216 -21.48 25.63 -12.05
C GLU A 216 -22.21 26.87 -12.56
N GLU A 217 -22.67 26.84 -13.81
CA GLU A 217 -23.50 27.95 -14.30
C GLU A 217 -24.77 28.12 -13.48
N MET A 218 -25.46 27.02 -13.19
CA MET A 218 -26.60 27.07 -12.29
C MET A 218 -26.21 27.63 -10.94
N ASN A 219 -25.03 27.21 -10.42
CA ASN A 219 -24.55 27.75 -9.17
C ASN A 219 -24.39 29.27 -9.24
N LYS A 220 -23.77 29.75 -10.31
CA LYS A 220 -23.56 31.18 -10.49
C LYS A 220 -24.87 31.96 -10.57
N LYS A 221 -25.94 31.34 -11.06
CA LYS A 221 -27.24 31.99 -11.20
C LYS A 221 -28.08 31.85 -9.95
N GLY A 222 -27.62 31.11 -8.95
CA GLY A 222 -28.41 30.84 -7.76
C GLY A 222 -29.40 29.71 -7.88
N ASP A 223 -29.30 28.88 -8.92
CA ASP A 223 -30.29 27.84 -9.18
C ASP A 223 -29.86 26.46 -8.70
N PHE A 224 -28.59 26.29 -8.37
CA PHE A 224 -28.04 25.07 -7.77
C PHE A 224 -27.38 25.50 -6.47
N SER A 225 -27.69 24.79 -5.40
CA SER A 225 -27.07 25.03 -4.11
C SER A 225 -26.33 23.75 -3.79
N TYR A 226 -24.99 23.82 -3.74
CA TYR A 226 -24.22 22.71 -3.21
C TYR A 226 -24.20 22.82 -1.71
N VAL A 227 -24.62 21.77 -1.03
CA VAL A 227 -24.82 21.82 0.42
C VAL A 227 -24.08 20.60 0.92
N GLY A 228 -22.90 20.83 1.48
CA GLY A 228 -21.93 19.78 1.66
C GLY A 228 -21.92 19.08 3.00
N ARG A 229 -22.76 19.49 3.96
CA ARG A 229 -22.86 18.73 5.19
C ARG A 229 -23.66 17.46 4.92
N LYS A 230 -23.31 16.39 5.65
CA LYS A 230 -23.98 15.10 5.47
C LYS A 230 -25.50 15.22 5.52
N ASP A 231 -26.16 14.78 4.46
CA ASP A 231 -27.62 14.74 4.34
C ASP A 231 -28.26 16.13 4.30
N GLU A 232 -27.46 17.19 4.18
CA GLU A 232 -28.04 18.53 4.14
C GLU A 232 -28.92 18.71 2.92
N SER A 233 -28.56 18.12 1.77
CA SER A 233 -29.40 18.27 0.58
C SER A 233 -30.76 17.64 0.79
N THR A 234 -30.80 16.51 1.51
CA THR A 234 -32.08 15.85 1.78
C THR A 234 -32.92 16.67 2.75
N GLU A 235 -32.32 17.22 3.78
CA GLU A 235 -33.06 18.06 4.72
C GLU A 235 -33.55 19.33 4.06
N LYS A 236 -32.73 19.96 3.22
CA LYS A 236 -33.18 21.15 2.52
C LYS A 236 -34.35 20.84 1.60
N PHE A 237 -34.41 19.62 1.08
CA PHE A 237 -35.56 19.20 0.27
C PHE A 237 -36.79 18.98 1.15
N TYR A 238 -36.67 18.12 2.16
CA TYR A 238 -37.89 17.82 2.91
C TYR A 238 -38.34 18.97 3.80
N ASN A 239 -37.50 19.95 4.05
CA ASN A 239 -37.94 21.15 4.74
C ASN A 239 -38.58 22.16 3.81
N GLY A 240 -38.73 21.85 2.53
CA GLY A 240 -39.35 22.76 1.59
C GLY A 240 -38.44 23.85 1.09
N ASP A 241 -37.14 23.81 1.42
CA ASP A 241 -36.22 24.84 0.93
C ASP A 241 -35.94 24.64 -0.54
N CYS A 242 -35.61 23.42 -0.94
CA CYS A 242 -35.15 23.10 -2.28
C CYS A 242 -36.23 22.36 -3.04
N ALA A 243 -36.47 22.81 -4.28
CA ALA A 243 -37.54 22.22 -5.08
C ALA A 243 -37.18 20.83 -5.59
N MET A 244 -35.89 20.54 -5.78
CA MET A 244 -35.45 19.28 -6.33
C MET A 244 -34.11 18.95 -5.68
N THR A 245 -33.85 17.66 -5.51
CA THR A 245 -32.52 17.25 -5.11
C THR A 245 -32.29 15.84 -5.61
N THR A 246 -31.03 15.50 -5.83
CA THR A 246 -30.68 14.11 -6.09
C THR A 246 -30.07 13.59 -4.81
N ALA A 247 -30.61 12.48 -4.32
CA ALA A 247 -30.12 11.90 -3.07
C ALA A 247 -30.38 10.41 -3.13
N SER A 248 -29.84 9.70 -2.13
CA SER A 248 -29.99 8.27 -2.10
C SER A 248 -31.46 7.86 -2.15
N SER A 249 -31.72 6.79 -2.88
CA SER A 249 -33.01 6.11 -2.79
C SER A 249 -33.39 5.74 -1.36
N GLY A 250 -32.42 5.47 -0.51
CA GLY A 250 -32.74 5.13 0.86
C GLY A 250 -33.25 6.26 1.68
N SER A 251 -33.19 7.48 1.16
CA SER A 251 -33.68 8.65 1.90
C SER A 251 -35.19 8.83 1.79
N LEU A 252 -35.87 8.03 0.99
CA LEU A 252 -37.29 8.23 0.78
C LEU A 252 -38.08 8.11 2.08
N ALA A 253 -37.73 7.17 2.94
CA ALA A 253 -38.53 7.02 4.16
C ALA A 253 -38.44 8.27 5.03
N ASN A 254 -37.26 8.86 5.13
CA ASN A 254 -37.11 10.11 5.86
C ASN A 254 -37.90 11.21 5.20
N ILE A 255 -37.85 11.28 3.86
CA ILE A 255 -38.60 12.28 3.14
C ILE A 255 -40.10 12.09 3.36
N ARG A 256 -40.59 10.85 3.26
CA ARG A 256 -42.02 10.63 3.50
C ARG A 256 -42.43 11.03 4.91
N GLU A 257 -41.52 10.89 5.87
CA GLU A 257 -41.84 11.19 7.27
C GLU A 257 -41.85 12.70 7.54
N TYR A 258 -40.97 13.47 6.88
CA TYR A 258 -40.80 14.87 7.24
C TYR A 258 -41.33 15.88 6.22
N ALA A 259 -41.53 15.50 4.97
CA ALA A 259 -41.93 16.46 3.94
C ALA A 259 -43.36 16.94 4.17
N LYS A 260 -43.53 18.25 4.18
CA LYS A 260 -44.87 18.83 4.38
C LYS A 260 -45.45 19.32 3.07
N PHE A 261 -45.31 18.46 2.08
CA PHE A 261 -45.74 18.77 0.73
C PHE A 261 -45.80 17.48 -0.05
N ASN A 262 -46.44 17.54 -1.20
CA ASN A 262 -46.57 16.38 -2.08
C ASN A 262 -45.25 16.24 -2.84
N TYR A 263 -44.54 15.16 -2.59
CA TYR A 263 -43.26 14.93 -3.25
C TYR A 263 -43.42 13.87 -4.33
N GLY A 264 -42.49 13.87 -5.28
CA GLY A 264 -42.39 12.79 -6.24
C GLY A 264 -40.94 12.31 -6.30
N VAL A 265 -40.76 11.19 -6.98
CA VAL A 265 -39.44 10.58 -7.15
C VAL A 265 -39.27 10.25 -8.61
N GLY A 266 -38.35 10.92 -9.27
CA GLY A 266 -38.08 10.67 -10.66
C GLY A 266 -36.73 9.99 -10.85
N MET A 267 -36.50 9.40 -12.01
CA MET A 267 -35.18 8.89 -12.29
C MET A 267 -34.20 10.04 -12.42
N MET A 268 -32.92 9.73 -12.23
CA MET A 268 -31.90 10.75 -12.40
CA MET A 268 -31.93 10.76 -12.40
C MET A 268 -32.04 11.37 -13.78
N PRO A 269 -31.91 12.69 -13.90
CA PRO A 269 -31.78 13.29 -15.23
C PRO A 269 -30.52 12.75 -15.91
N TYR A 270 -30.51 12.78 -17.22
CA TYR A 270 -29.33 12.45 -18.01
C TYR A 270 -28.96 13.62 -18.91
N ASP A 271 -27.77 13.57 -19.49
CA ASP A 271 -27.34 14.61 -20.42
C ASP A 271 -28.05 14.40 -21.75
N ALA A 272 -28.89 15.36 -22.14
CA ALA A 272 -29.66 15.24 -23.37
C ALA A 272 -28.80 14.98 -24.60
N ASP A 273 -27.52 15.35 -24.56
CA ASP A 273 -26.64 15.21 -25.71
C ASP A 273 -25.85 13.90 -25.72
N ALA A 274 -25.97 13.09 -24.68
CA ALA A 274 -25.20 11.86 -24.55
C ALA A 274 -25.97 10.74 -25.26
N LYS A 275 -25.40 10.24 -26.34
CA LYS A 275 -26.07 9.29 -27.22
C LYS A 275 -26.54 8.03 -26.49
N ASP A 276 -25.74 7.48 -25.58
CA ASP A 276 -26.08 6.22 -24.95
C ASP A 276 -26.97 6.39 -23.72
N ALA A 277 -27.26 7.63 -23.33
CA ALA A 277 -28.02 7.89 -22.13
C ALA A 277 -29.52 7.76 -22.40
N PRO A 278 -30.32 7.45 -21.39
CA PRO A 278 -29.93 6.93 -20.06
C PRO A 278 -29.59 5.47 -20.20
N GLN A 279 -28.58 5.06 -19.43
CA GLN A 279 -28.04 3.70 -19.53
C GLN A 279 -28.43 2.95 -18.27
N ASN A 280 -27.59 2.90 -17.23
CA ASN A 280 -28.06 2.32 -15.97
C ASN A 280 -27.33 2.99 -14.84
N ALA A 281 -27.93 2.96 -13.66
CA ALA A 281 -27.31 3.46 -12.46
C ALA A 281 -26.51 2.35 -11.79
N ILE A 282 -25.72 2.73 -10.79
CA ILE A 282 -24.92 1.77 -10.05
C ILE A 282 -25.20 1.93 -8.58
N ILE A 283 -24.90 0.88 -7.84
CA ILE A 283 -25.32 0.80 -6.46
C ILE A 283 -24.28 1.36 -5.50
N GLY A 284 -24.76 1.78 -4.36
CA GLY A 284 -24.01 2.02 -3.16
C GLY A 284 -24.49 1.11 -2.06
N GLY A 285 -24.06 1.43 -0.85
CA GLY A 285 -24.40 0.59 0.31
C GLY A 285 -23.30 -0.43 0.53
N ALA A 286 -23.68 -1.68 0.81
CA ALA A 286 -22.73 -2.68 1.26
C ALA A 286 -23.17 -4.05 0.75
N SER A 287 -22.24 -5.01 0.94
CA SER A 287 -22.48 -6.40 0.60
C SER A 287 -21.96 -7.31 1.72
N LEU A 288 -22.33 -8.57 1.64
CA LEU A 288 -21.89 -9.56 2.64
C LEU A 288 -20.78 -10.41 2.05
N TRP A 289 -19.64 -10.42 2.75
CA TRP A 289 -18.53 -11.28 2.37
C TRP A 289 -18.46 -12.46 3.31
N VAL A 290 -17.95 -13.57 2.80
CA VAL A 290 -17.78 -14.79 3.59
C VAL A 290 -16.31 -15.03 3.80
N MET A 291 -15.92 -15.28 5.05
CA MET A 291 -14.50 -15.34 5.35
C MET A 291 -13.96 -16.76 5.15
N GLN A 292 -12.68 -16.85 4.77
CA GLN A 292 -12.00 -18.13 4.66
C GLN A 292 -11.74 -18.77 6.01
N GLY A 293 -11.45 -20.08 5.99
CA GLY A 293 -10.94 -20.78 7.15
C GLY A 293 -12.00 -21.48 7.98
N LYS A 294 -13.26 -21.50 7.53
CA LYS A 294 -14.33 -22.07 8.33
C LYS A 294 -14.60 -23.51 7.93
N ASP A 295 -15.37 -24.18 8.78
CA ASP A 295 -15.69 -25.59 8.56
C ASP A 295 -16.95 -25.72 7.69
N LYS A 296 -17.25 -26.96 7.31
CA LYS A 296 -18.29 -27.16 6.32
C LYS A 296 -19.66 -26.80 6.87
N GLU A 297 -19.91 -27.04 8.16
CA GLU A 297 -21.21 -26.68 8.72
C GLU A 297 -21.37 -25.17 8.72
N THR A 298 -20.30 -24.45 8.98
CA THR A 298 -20.38 -22.99 8.92
C THR A 298 -20.75 -22.53 7.52
N TYR A 299 -20.07 -23.06 6.50
CA TYR A 299 -20.38 -22.62 5.15
C TYR A 299 -21.77 -23.04 4.70
N THR A 300 -22.26 -24.19 5.18
CA THR A 300 -23.63 -24.56 4.86
C THR A 300 -24.61 -23.59 5.48
N GLY A 301 -24.39 -23.22 6.74
CA GLY A 301 -25.24 -22.25 7.39
C GLY A 301 -25.17 -20.90 6.71
N VAL A 302 -23.97 -20.47 6.31
CA VAL A 302 -23.83 -19.20 5.62
C VAL A 302 -24.62 -19.22 4.31
N ALA A 303 -24.46 -20.27 3.51
CA ALA A 303 -25.21 -20.39 2.26
C ALA A 303 -26.70 -20.34 2.54
N LYS A 304 -27.16 -21.09 3.53
CA LYS A 304 -28.59 -21.09 3.82
C LYS A 304 -29.06 -19.70 4.23
N PHE A 305 -28.24 -18.95 4.98
CA PHE A 305 -28.63 -17.61 5.40
C PHE A 305 -28.66 -16.65 4.22
N LEU A 306 -27.63 -16.69 3.37
CA LEU A 306 -27.64 -15.84 2.19
C LEU A 306 -28.84 -16.16 1.30
N ASP A 307 -29.15 -17.44 1.15
CA ASP A 307 -30.33 -17.82 0.39
C ASP A 307 -31.60 -17.25 1.02
N PHE A 308 -31.71 -17.38 2.34
CA PHE A 308 -32.86 -16.86 3.06
C PHE A 308 -33.03 -15.37 2.79
N LEU A 309 -31.93 -14.60 2.86
CA LEU A 309 -32.03 -13.15 2.66
C LEU A 309 -32.55 -12.79 1.28
N ALA A 310 -32.29 -13.65 0.29
CA ALA A 310 -32.70 -13.38 -1.08
C ALA A 310 -34.05 -13.96 -1.45
N LYS A 311 -34.66 -14.76 -0.57
CA LYS A 311 -35.98 -15.28 -0.88
C LYS A 311 -36.95 -14.11 -1.09
N PRO A 312 -37.93 -14.26 -2.00
CA PRO A 312 -38.77 -13.11 -2.38
C PRO A 312 -39.40 -12.43 -1.19
N GLU A 313 -39.95 -13.21 -0.27
CA GLU A 313 -40.65 -12.62 0.88
C GLU A 313 -39.70 -11.85 1.78
N ASN A 314 -38.48 -12.35 1.98
CA ASN A 314 -37.60 -11.69 2.92
C ASN A 314 -36.91 -10.50 2.26
N ALA A 315 -36.55 -10.65 0.98
CA ALA A 315 -35.99 -9.54 0.22
C ALA A 315 -37.01 -8.40 0.03
N ALA A 316 -38.29 -8.75 -0.15
CA ALA A 316 -39.34 -7.71 -0.20
C ALA A 316 -39.48 -7.03 1.15
N GLU A 317 -39.54 -7.81 2.24
CA GLU A 317 -39.63 -7.23 3.57
C GLU A 317 -38.48 -6.27 3.83
N TRP A 318 -37.27 -6.67 3.44
CA TRP A 318 -36.12 -5.83 3.69
C TRP A 318 -36.27 -4.49 2.98
N HIS A 319 -36.61 -4.55 1.70
CA HIS A 319 -36.81 -3.33 0.90
C HIS A 319 -37.91 -2.44 1.49
N GLN A 320 -39.01 -3.06 1.94
CA GLN A 320 -40.12 -2.26 2.46
C GLN A 320 -39.81 -1.65 3.84
N LYS A 321 -39.12 -2.37 4.74
CA LYS A 321 -38.89 -1.86 6.08
C LYS A 321 -37.68 -0.93 6.20
N THR A 322 -36.68 -1.08 5.35
CA THR A 322 -35.48 -0.27 5.49
C THR A 322 -35.40 0.85 4.49
N GLY A 323 -36.08 0.73 3.36
CA GLY A 323 -35.92 1.66 2.26
C GLY A 323 -34.79 1.37 1.29
N TYR A 324 -33.96 0.35 1.54
CA TYR A 324 -32.97 -0.06 0.55
C TYR A 324 -33.65 -0.77 -0.63
N LEU A 325 -32.91 -0.97 -1.72
CA LEU A 325 -33.45 -1.55 -2.95
C LEU A 325 -33.85 -3.01 -2.73
N PRO A 326 -34.83 -3.51 -3.48
CA PRO A 326 -35.02 -4.97 -3.56
C PRO A 326 -33.85 -5.55 -4.35
N ILE A 327 -33.19 -6.57 -3.79
CA ILE A 327 -32.00 -7.09 -4.45
C ILE A 327 -32.35 -8.06 -5.56
N THR A 328 -33.59 -8.52 -5.60
CA THR A 328 -34.02 -9.46 -6.63
C THR A 328 -35.22 -8.90 -7.37
N LYS A 329 -35.34 -9.33 -8.63
CA LYS A 329 -36.47 -8.95 -9.44
C LYS A 329 -37.77 -9.49 -8.83
N ALA A 330 -37.71 -10.71 -8.26
CA ALA A 330 -38.89 -11.28 -7.63
C ALA A 330 -39.35 -10.47 -6.42
N ALA A 331 -38.42 -9.90 -5.65
CA ALA A 331 -38.80 -9.09 -4.50
C ALA A 331 -39.50 -7.79 -4.92
N TYR A 332 -39.03 -7.18 -6.00
CA TYR A 332 -39.68 -5.99 -6.56
C TYR A 332 -41.08 -6.32 -7.06
N ASP A 333 -41.21 -7.42 -7.82
CA ASP A 333 -42.52 -7.77 -8.34
C ASP A 333 -43.49 -8.08 -7.22
N LEU A 334 -43.02 -8.80 -6.20
CA LEU A 334 -43.85 -9.10 -5.04
C LEU A 334 -44.30 -7.85 -4.33
N THR A 335 -43.38 -6.91 -4.11
CA THR A 335 -43.72 -5.66 -3.45
C THR A 335 -44.81 -4.93 -4.20
N ARG A 336 -44.71 -4.91 -5.54
CA ARG A 336 -45.76 -4.30 -6.35
C ARG A 336 -47.10 -5.02 -6.18
N GLU A 337 -47.08 -6.35 -6.28
CA GLU A 337 -48.30 -7.15 -6.18
C GLU A 337 -49.01 -6.92 -4.85
N GLN A 338 -48.26 -6.56 -3.82
CA GLN A 338 -48.79 -6.29 -2.48
C GLN A 338 -49.33 -4.89 -2.33
N GLY A 339 -49.24 -4.07 -3.38
CA GLY A 339 -49.80 -2.73 -3.30
C GLY A 339 -48.90 -1.72 -2.60
N PHE A 340 -47.69 -2.11 -2.20
CA PHE A 340 -46.82 -1.22 -1.42
C PHE A 340 -46.51 0.08 -2.16
N TYR A 341 -46.40 0.03 -3.49
CA TYR A 341 -46.11 1.24 -4.24
C TYR A 341 -47.31 2.18 -4.34
N GLU A 342 -48.53 1.69 -4.07
CA GLU A 342 -49.65 2.63 -3.97
C GLU A 342 -49.61 3.40 -2.64
N LYS A 343 -49.15 2.76 -1.57
CA LYS A 343 -49.04 3.44 -0.27
C LYS A 343 -47.77 4.26 -0.17
N ASN A 344 -46.77 3.94 -0.99
CA ASN A 344 -45.46 4.57 -0.91
C ASN A 344 -45.08 5.03 -2.31
N PRO A 345 -45.74 6.04 -2.81
CA PRO A 345 -45.46 6.44 -4.19
C PRO A 345 -44.00 6.84 -4.34
N GLY A 346 -43.41 6.41 -5.46
CA GLY A 346 -42.02 6.68 -5.74
C GLY A 346 -41.05 5.65 -5.22
N ALA A 347 -41.47 4.73 -4.34
CA ALA A 347 -40.55 3.72 -3.82
C ALA A 347 -40.10 2.71 -4.87
N ASP A 348 -40.73 2.71 -6.05
CA ASP A 348 -40.31 1.86 -7.15
C ASP A 348 -39.34 2.54 -8.11
N THR A 349 -39.18 3.86 -8.01
CA THR A 349 -38.43 4.58 -9.02
C THR A 349 -37.00 4.09 -9.11
N ALA A 350 -36.35 3.87 -7.96
CA ALA A 350 -34.94 3.50 -7.95
C ALA A 350 -34.72 2.14 -8.63
N THR A 351 -35.61 1.20 -8.41
CA THR A 351 -35.45 -0.08 -9.08
C THR A 351 -35.61 0.08 -10.59
N ARG A 352 -36.54 0.95 -11.01
CA ARG A 352 -36.73 1.15 -12.45
C ARG A 352 -35.48 1.73 -13.08
N GLN A 353 -34.78 2.56 -12.34
CA GLN A 353 -33.50 3.08 -12.79
C GLN A 353 -32.46 1.97 -12.92
N MET A 354 -32.46 1.01 -11.98
CA MET A 354 -31.49 -0.09 -12.02
C MET A 354 -31.75 -1.00 -13.22
N LEU A 355 -32.99 -1.07 -13.69
CA LEU A 355 -33.37 -1.90 -14.82
C LEU A 355 -33.58 -1.13 -16.12
N ASN A 356 -33.14 0.12 -16.18
CA ASN A 356 -33.45 0.95 -17.34
C ASN A 356 -32.97 0.35 -18.67
N LYS A 357 -31.70 -0.10 -18.73
CA LYS A 357 -31.14 -0.82 -19.87
C LYS A 357 -30.20 -1.87 -19.33
N PRO A 358 -29.98 -2.97 -20.04
CA PRO A 358 -28.99 -3.95 -19.60
C PRO A 358 -27.64 -3.28 -19.55
N PRO A 359 -26.81 -3.60 -18.54
CA PRO A 359 -25.54 -2.89 -18.37
C PRO A 359 -24.58 -3.15 -19.50
N LEU A 360 -23.72 -2.16 -19.75
CA LEU A 360 -22.55 -2.31 -20.60
C LEU A 360 -21.41 -2.90 -19.80
N PRO A 361 -20.35 -3.36 -20.47
CA PRO A 361 -19.24 -3.97 -19.71
C PRO A 361 -18.64 -3.04 -18.67
N PHE A 362 -18.71 -1.72 -18.91
CA PHE A 362 -18.12 -0.74 -18.03
C PHE A 362 -19.14 0.00 -17.16
N THR A 363 -20.39 -0.47 -17.11
CA THR A 363 -21.42 0.16 -16.28
C THR A 363 -22.01 -0.78 -15.23
N LYS A 364 -21.34 -1.89 -14.90
CA LYS A 364 -21.88 -2.81 -13.91
C LYS A 364 -21.66 -2.33 -12.49
N GLY A 365 -20.70 -1.44 -12.32
CA GLY A 365 -20.25 -1.07 -11.01
C GLY A 365 -18.90 -0.42 -11.21
N LEU A 366 -18.20 -0.23 -10.11
CA LEU A 366 -16.90 0.41 -10.15
C LEU A 366 -16.04 -0.40 -9.20
N ARG A 367 -14.88 -0.86 -9.68
CA ARG A 367 -14.04 -1.76 -8.89
C ARG A 367 -12.61 -1.18 -8.86
N LEU A 368 -12.37 -0.36 -7.85
CA LEU A 368 -11.08 0.33 -7.72
C LEU A 368 -10.56 0.21 -6.29
N GLY A 369 -9.25 -0.03 -6.19
CA GLY A 369 -8.60 0.02 -4.90
C GLY A 369 -8.44 1.44 -4.43
N ASN A 370 -8.31 1.60 -3.11
CA ASN A 370 -8.23 2.93 -2.48
C ASN A 370 -9.41 3.81 -2.86
N MET A 371 -10.57 3.19 -3.09
CA MET A 371 -11.70 3.97 -3.53
CA MET A 371 -11.73 3.94 -3.50
C MET A 371 -12.20 4.93 -2.45
N PRO A 372 -12.19 4.60 -1.14
CA PRO A 372 -12.60 5.64 -0.18
C PRO A 372 -11.81 6.94 -0.32
N GLN A 373 -10.49 6.83 -0.50
CA GLN A 373 -9.66 8.01 -0.62
C GLN A 373 -9.87 8.72 -1.96
N ILE A 374 -10.10 7.94 -3.02
CA ILE A 374 -10.41 8.55 -4.31
C ILE A 374 -11.68 9.37 -4.21
N ARG A 375 -12.69 8.84 -3.52
CA ARG A 375 -13.93 9.60 -3.37
C ARG A 375 -13.70 10.93 -2.67
N VAL A 376 -12.87 10.97 -1.63
CA VAL A 376 -12.61 12.24 -0.97
C VAL A 376 -11.94 13.22 -1.93
N ILE A 377 -10.95 12.75 -2.70
CA ILE A 377 -10.31 13.62 -3.69
C ILE A 377 -11.34 14.19 -4.65
N VAL A 378 -12.21 13.33 -5.19
CA VAL A 378 -13.19 13.81 -6.16
C VAL A 378 -14.13 14.81 -5.50
N ASP A 379 -14.60 14.50 -4.29
CA ASP A 379 -15.50 15.40 -3.57
C ASP A 379 -14.84 16.78 -3.42
N GLU A 380 -13.55 16.78 -3.02
CA GLU A 380 -12.78 18.02 -2.80
C GLU A 380 -12.64 18.81 -4.09
N GLU A 381 -12.27 18.13 -5.16
CA GLU A 381 -12.04 18.86 -6.41
C GLU A 381 -13.34 19.46 -6.94
N LEU A 382 -14.46 18.73 -6.80
CA LEU A 382 -15.75 19.30 -7.21
C LEU A 382 -16.09 20.50 -6.35
N GLU A 383 -15.84 20.41 -5.04
CA GLU A 383 -16.05 21.53 -4.15
C GLU A 383 -15.25 22.76 -4.59
N SER A 384 -14.07 22.53 -5.19
CA SER A 384 -13.29 23.65 -5.68
C SER A 384 -13.90 24.30 -6.91
N VAL A 385 -14.72 23.59 -7.68
CA VAL A 385 -15.47 24.25 -8.73
C VAL A 385 -16.53 25.19 -8.13
N TRP A 386 -17.29 24.70 -7.16
CA TRP A 386 -18.42 25.50 -6.64
C TRP A 386 -17.91 26.76 -5.97
N THR A 387 -16.71 26.72 -5.38
CA THR A 387 -16.13 27.88 -4.75
C THR A 387 -15.53 28.84 -5.74
N GLY A 388 -15.40 28.44 -7.01
CA GLY A 388 -14.80 29.32 -8.01
C GLY A 388 -13.29 29.22 -8.06
N LYS A 389 -12.70 28.24 -7.38
CA LYS A 389 -11.25 28.11 -7.35
C LYS A 389 -10.69 27.50 -8.62
N LYS A 390 -11.42 26.59 -9.24
CA LYS A 390 -10.94 25.83 -10.38
C LYS A 390 -12.06 25.81 -11.42
N THR A 391 -11.70 25.71 -12.70
CA THR A 391 -12.69 25.39 -13.72
C THR A 391 -13.10 23.92 -13.63
N PRO A 392 -14.26 23.58 -14.17
CA PRO A 392 -14.63 22.16 -14.28
C PRO A 392 -13.54 21.27 -14.83
N GLN A 393 -12.90 21.67 -15.92
CA GLN A 393 -11.86 20.86 -16.53
C GLN A 393 -10.67 20.74 -15.60
N GLN A 394 -10.26 21.83 -14.96
CA GLN A 394 -9.10 21.76 -14.06
C GLN A 394 -9.39 20.84 -12.89
N ALA A 395 -10.58 20.92 -12.33
CA ALA A 395 -10.90 20.10 -11.18
C ALA A 395 -10.94 18.63 -11.55
N LEU A 396 -11.57 18.29 -12.67
CA LEU A 396 -11.66 16.87 -13.01
C LEU A 396 -10.29 16.33 -13.42
N ASP A 397 -9.48 17.14 -14.11
CA ASP A 397 -8.13 16.70 -14.43
C ASP A 397 -7.33 16.46 -13.15
N THR A 398 -7.45 17.37 -12.19
CA THR A 398 -6.72 17.20 -10.92
C THR A 398 -7.18 15.94 -10.19
N ALA A 399 -8.49 15.71 -10.15
CA ALA A 399 -9.00 14.53 -9.47
C ALA A 399 -8.52 13.26 -10.17
N VAL A 400 -8.50 13.24 -11.50
CA VAL A 400 -8.00 12.08 -12.22
C VAL A 400 -6.52 11.86 -11.89
N GLU A 401 -5.69 12.90 -11.91
CA GLU A 401 -4.27 12.69 -11.64
C GLU A 401 -4.06 12.21 -10.21
N ARG A 402 -4.66 12.89 -9.23
CA ARG A 402 -4.49 12.48 -7.83
C ARG A 402 -5.05 11.09 -7.58
N GLY A 403 -6.21 10.80 -8.18
CA GLY A 403 -6.80 9.47 -8.02
C GLY A 403 -5.95 8.38 -8.65
N ASN A 404 -5.35 8.68 -9.80
CA ASN A 404 -4.49 7.68 -10.42
C ASN A 404 -3.30 7.34 -9.55
N GLN A 405 -2.80 8.30 -8.77
CA GLN A 405 -1.69 7.99 -7.86
C GLN A 405 -2.13 6.96 -6.83
N LEU A 406 -3.36 7.08 -6.31
N LEU A 406 -3.37 7.07 -6.35
CA LEU A 406 -3.92 6.11 -5.39
CA LEU A 406 -3.90 6.11 -5.39
C LEU A 406 -4.12 4.75 -6.05
C LEU A 406 -4.15 4.75 -6.02
N LEU A 407 -4.55 4.70 -7.29
CA LEU A 407 -4.71 3.43 -7.97
C LEU A 407 -3.36 2.75 -8.14
N ARG A 408 -2.31 3.51 -8.43
CA ARG A 408 -1.01 2.87 -8.60
C ARG A 408 -0.48 2.36 -7.27
N ARG A 409 -0.68 3.11 -6.19
CA ARG A 409 -0.25 2.59 -4.90
C ARG A 409 -0.98 1.30 -4.61
N PHE A 410 -2.29 1.26 -4.83
CA PHE A 410 -3.02 0.03 -4.58
C PHE A 410 -2.50 -1.12 -5.45
N GLU A 411 -2.25 -0.84 -6.73
CA GLU A 411 -1.77 -1.88 -7.63
C GLU A 411 -0.48 -2.46 -7.09
N LYS A 412 0.47 -1.60 -6.71
CA LYS A 412 1.74 -2.13 -6.22
C LYS A 412 1.56 -2.88 -4.90
N SER A 413 0.60 -2.50 -4.08
CA SER A 413 0.39 -3.19 -2.80
C SER A 413 -0.01 -4.65 -3.01
N THR A 414 -0.53 -4.99 -4.18
CA THR A 414 -0.98 -6.34 -4.48
C THR A 414 0.13 -7.21 -5.05
N LYS A 415 1.28 -6.64 -5.36
CA LYS A 415 2.34 -7.39 -6.03
C LYS A 415 3.24 -8.03 -4.98
N SER A 416 3.61 -9.28 -5.22
CA SER A 416 4.48 -10.01 -4.29
C SER A 416 5.90 -9.54 -4.51
N SER B 1 55.55 -26.64 11.00
CA SER B 1 55.49 -25.20 11.26
C SER B 1 54.04 -24.77 11.42
N VAL B 2 53.81 -23.76 12.25
CA VAL B 2 52.48 -23.19 12.40
C VAL B 2 52.61 -21.72 12.06
N THR B 3 51.91 -21.29 11.03
CA THR B 3 52.06 -19.94 10.50
C THR B 3 51.01 -19.03 11.13
N THR B 4 51.48 -18.00 11.84
CA THR B 4 50.59 -16.99 12.38
C THR B 4 50.09 -16.09 11.27
N ILE B 5 48.78 -15.82 11.28
CA ILE B 5 48.14 -14.99 10.26
C ILE B 5 47.31 -13.92 10.96
N PRO B 6 47.80 -12.68 11.07
CA PRO B 6 47.03 -11.65 11.78
C PRO B 6 45.84 -11.17 10.95
N PHE B 7 44.69 -11.10 11.61
CA PHE B 7 43.42 -10.69 11.01
C PHE B 7 42.92 -9.53 11.84
N TRP B 8 42.97 -8.31 11.28
CA TRP B 8 42.60 -7.11 12.03
C TRP B 8 41.15 -6.76 11.70
N HIS B 9 40.33 -6.64 12.74
CA HIS B 9 38.90 -6.47 12.55
C HIS B 9 38.36 -5.44 13.51
N SER B 10 37.07 -5.12 13.29
CA SER B 10 36.36 -4.08 14.02
C SER B 10 35.16 -4.63 14.77
N MET B 11 35.13 -5.93 15.03
CA MET B 11 33.99 -6.58 15.68
C MET B 11 34.17 -6.56 17.19
N GLU B 12 33.37 -5.76 17.86
CA GLU B 12 33.43 -5.54 19.29
C GLU B 12 32.46 -6.47 19.98
N GLY B 13 32.66 -6.68 21.27
CA GLY B 13 31.63 -7.33 22.04
C GLY B 13 31.37 -8.75 21.60
N GLU B 14 30.10 -9.13 21.60
CA GLU B 14 29.69 -10.47 21.17
C GLU B 14 30.07 -10.76 19.73
N LEU B 15 30.06 -9.75 18.86
CA LEU B 15 30.52 -9.97 17.48
C LEU B 15 31.98 -10.39 17.46
N GLY B 16 32.81 -9.72 18.27
CA GLY B 16 34.20 -10.13 18.37
C GLY B 16 34.36 -11.53 18.93
N LYS B 17 33.55 -11.87 19.92
CA LYS B 17 33.62 -13.22 20.46
C LYS B 17 33.29 -14.26 19.40
N GLU B 18 32.34 -13.95 18.51
CA GLU B 18 32.01 -14.88 17.43
C GLU B 18 33.14 -14.99 16.40
N VAL B 19 33.79 -13.86 16.06
CA VAL B 19 34.97 -13.92 15.22
C VAL B 19 36.02 -14.81 15.86
N ASP B 20 36.27 -14.60 17.16
CA ASP B 20 37.28 -15.38 17.87
C ASP B 20 36.93 -16.86 17.85
N SER B 21 35.64 -17.18 18.03
CA SER B 21 35.22 -18.57 18.00
C SER B 21 35.43 -19.20 16.63
N LEU B 22 35.10 -18.48 15.56
CA LEU B 22 35.33 -19.03 14.23
C LEU B 22 36.80 -19.24 13.97
N ALA B 23 37.64 -18.28 14.36
CA ALA B 23 39.07 -18.44 14.17
C ALA B 23 39.62 -19.64 14.96
N GLN B 24 39.16 -19.83 16.19
CA GLN B 24 39.65 -20.92 17.02
C GLN B 24 39.28 -22.27 16.40
N ARG B 25 38.05 -22.36 15.87
CA ARG B 25 37.63 -23.59 15.23
C ARG B 25 38.43 -23.84 13.97
N PHE B 26 38.65 -22.80 13.17
CA PHE B 26 39.49 -22.94 11.99
C PHE B 26 40.87 -23.44 12.38
N ASN B 27 41.48 -22.80 13.39
CA ASN B 27 42.82 -23.18 13.81
C ASN B 27 42.87 -24.63 14.29
N ALA B 28 41.87 -25.05 15.06
CA ALA B 28 41.87 -26.42 15.56
C ALA B 28 41.75 -27.39 14.40
N GLU B 29 40.98 -27.02 13.39
CA GLU B 29 40.78 -27.90 12.24
C GLU B 29 41.94 -27.84 11.26
N ASN B 30 42.79 -26.81 11.34
CA ASN B 30 43.88 -26.61 10.39
C ASN B 30 45.15 -26.30 11.18
N PRO B 31 45.75 -27.31 11.79
CA PRO B 31 46.83 -27.05 12.76
C PRO B 31 48.11 -26.47 12.18
N ASP B 32 48.27 -26.40 10.85
CA ASP B 32 49.42 -25.69 10.25
C ASP B 32 49.30 -24.16 10.27
N TYR B 33 48.16 -23.61 10.71
CA TYR B 33 47.97 -22.18 10.67
C TYR B 33 47.40 -21.69 11.99
N LYS B 34 47.63 -20.41 12.25
CA LYS B 34 47.04 -19.79 13.44
C LYS B 34 46.55 -18.41 13.03
N ILE B 35 45.28 -18.32 12.69
CA ILE B 35 44.63 -17.03 12.53
C ILE B 35 44.59 -16.36 13.90
N VAL B 36 45.04 -15.12 13.96
CA VAL B 36 44.99 -14.33 15.19
C VAL B 36 44.08 -13.15 14.95
N PRO B 37 42.80 -13.26 15.27
CA PRO B 37 41.91 -12.10 15.15
C PRO B 37 42.33 -11.08 16.17
N THR B 38 42.40 -9.82 15.73
CA THR B 38 42.93 -8.74 16.52
C THR B 38 41.95 -7.58 16.35
N TYR B 39 41.30 -7.22 17.45
CA TYR B 39 40.33 -6.12 17.42
C TYR B 39 41.10 -4.80 17.41
N LYS B 40 40.81 -3.95 16.43
CA LYS B 40 41.55 -2.70 16.24
C LYS B 40 40.66 -1.46 16.43
N GLY B 41 39.45 -1.60 16.92
CA GLY B 41 38.57 -0.45 17.09
C GLY B 41 37.52 -0.40 16.01
N ASN B 42 36.98 0.81 15.79
CA ASN B 42 35.88 0.98 14.85
C ASN B 42 36.38 0.88 13.40
N TYR B 43 35.45 0.98 12.45
CA TYR B 43 35.83 0.76 11.05
C TYR B 43 36.89 1.75 10.59
N GLU B 44 36.72 3.03 10.94
CA GLU B 44 37.68 4.04 10.53
C GLU B 44 39.05 3.79 11.16
N GLN B 45 39.05 3.42 12.44
CA GLN B 45 40.30 3.17 13.14
C GLN B 45 41.04 1.99 12.52
N ASN B 46 40.30 0.94 12.15
CA ASN B 46 40.94 -0.24 11.60
C ASN B 46 41.47 0.00 10.19
N LEU B 47 40.69 0.70 9.36
CA LEU B 47 41.18 1.00 8.03
C LEU B 47 42.44 1.84 8.09
N SER B 48 42.45 2.85 8.94
CA SER B 48 43.60 3.73 9.03
C SER B 48 44.80 2.95 9.54
N ALA B 49 44.59 2.11 10.55
CA ALA B 49 45.69 1.34 11.12
C ALA B 49 46.25 0.37 10.10
N GLY B 50 45.38 -0.25 9.30
CA GLY B 50 45.85 -1.26 8.34
C GLY B 50 46.70 -0.66 7.24
N ILE B 51 46.29 0.49 6.72
CA ILE B 51 47.07 1.17 5.69
C ILE B 51 48.39 1.66 6.28
N ALA B 52 48.32 2.27 7.47
CA ALA B 52 49.55 2.76 8.10
C ALA B 52 50.55 1.63 8.34
N ALA B 53 50.05 0.44 8.74
CA ALA B 53 50.92 -0.71 8.95
C ALA B 53 51.53 -1.20 7.64
N PHE B 54 50.74 -1.20 6.56
CA PHE B 54 51.32 -1.52 5.26
C PHE B 54 52.47 -0.56 4.92
N ARG B 55 52.30 0.72 5.22
CA ARG B 55 53.31 1.71 4.85
C ARG B 55 54.61 1.50 5.61
N THR B 56 54.57 0.89 6.80
CA THR B 56 55.80 0.62 7.51
C THR B 56 56.32 -0.80 7.28
N GLY B 57 55.68 -1.56 6.39
CA GLY B 57 56.23 -2.83 5.94
C GLY B 57 55.66 -4.07 6.57
N ASN B 58 54.60 -3.95 7.38
CA ASN B 58 54.02 -5.13 8.01
C ASN B 58 52.52 -4.86 8.23
N ALA B 59 51.76 -5.01 7.17
CA ALA B 59 50.31 -4.96 7.29
C ALA B 59 49.78 -6.27 7.91
N PRO B 60 48.60 -6.25 8.52
CA PRO B 60 47.95 -7.54 8.78
C PRO B 60 47.77 -8.33 7.49
N ALA B 61 47.58 -9.65 7.63
CA ALA B 61 47.30 -10.46 6.44
C ALA B 61 45.89 -10.20 5.92
N ILE B 62 44.90 -10.11 6.81
CA ILE B 62 43.50 -9.85 6.47
C ILE B 62 43.05 -8.62 7.23
N LEU B 63 42.30 -7.75 6.54
CA LEU B 63 41.81 -6.51 7.11
C LEU B 63 40.31 -6.40 6.82
N GLN B 64 39.50 -6.33 7.87
CA GLN B 64 38.07 -6.05 7.70
C GLN B 64 37.88 -4.57 7.41
N VAL B 65 37.25 -4.26 6.28
CA VAL B 65 37.05 -2.85 5.85
C VAL B 65 35.58 -2.66 5.49
N TYR B 66 34.96 -1.67 6.13
CA TYR B 66 33.58 -1.37 5.76
C TYR B 66 33.43 -1.06 4.27
N GLU B 67 32.21 -1.26 3.80
CA GLU B 67 31.90 -1.11 2.38
C GLU B 67 32.35 0.24 1.79
N VAL B 68 32.22 1.32 2.56
CA VAL B 68 32.53 2.65 2.04
C VAL B 68 34.02 2.92 2.02
N GLY B 69 34.82 2.01 2.58
CA GLY B 69 36.27 2.08 2.43
C GLY B 69 36.83 1.37 1.21
N THR B 70 35.97 0.82 0.35
CA THR B 70 36.41 0.00 -0.77
C THR B 70 37.28 0.81 -1.72
N ALA B 71 36.84 2.02 -2.12
CA ALA B 71 37.68 2.80 -3.02
C ALA B 71 39.02 3.15 -2.38
N THR B 72 39.05 3.41 -1.06
CA THR B 72 40.35 3.65 -0.43
C THR B 72 41.26 2.46 -0.58
N MET B 73 40.73 1.25 -0.36
CA MET B 73 41.58 0.06 -0.45
C MET B 73 42.09 -0.15 -1.87
N MET B 74 41.25 0.12 -2.87
CA MET B 74 41.71 -0.02 -4.25
CA MET B 74 41.69 -0.01 -4.26
C MET B 74 42.75 1.03 -4.60
N ALA B 75 42.59 2.26 -4.11
CA ALA B 75 43.57 3.31 -4.40
C ALA B 75 44.86 3.14 -3.63
N SER B 76 44.85 2.35 -2.54
CA SER B 76 46.07 2.16 -1.75
C SER B 76 47.14 1.38 -2.52
N LYS B 77 46.74 0.54 -3.48
CA LYS B 77 47.58 -0.44 -4.14
C LYS B 77 48.23 -1.40 -3.15
N ALA B 78 47.60 -1.56 -1.99
CA ALA B 78 48.14 -2.35 -0.89
C ALA B 78 47.43 -3.68 -0.72
N ILE B 79 46.54 -4.07 -1.65
CA ILE B 79 45.76 -5.27 -1.50
C ILE B 79 46.06 -6.27 -2.62
N LYS B 80 45.76 -7.52 -2.32
CA LYS B 80 45.82 -8.60 -3.27
C LYS B 80 44.40 -9.10 -3.44
N PRO B 81 43.83 -9.07 -4.65
CA PRO B 81 42.44 -9.52 -4.81
C PRO B 81 42.25 -10.95 -4.32
N VAL B 82 41.13 -11.18 -3.62
CA VAL B 82 40.86 -12.49 -3.07
C VAL B 82 40.91 -13.57 -4.15
N TYR B 83 40.33 -13.29 -5.33
CA TYR B 83 40.44 -14.22 -6.44
C TYR B 83 41.90 -14.60 -6.71
N ASP B 84 42.82 -13.63 -6.67
CA ASP B 84 44.23 -13.93 -6.93
C ASP B 84 44.84 -14.78 -5.82
N VAL B 85 44.39 -14.61 -4.57
CA VAL B 85 44.95 -15.36 -3.46
C VAL B 85 44.63 -16.83 -3.60
N PHE B 86 43.38 -17.15 -3.93
CA PHE B 86 42.98 -18.53 -4.14
C PHE B 86 43.70 -19.13 -5.34
N LYS B 87 43.80 -18.35 -6.42
CA LYS B 87 44.49 -18.83 -7.61
C LYS B 87 45.95 -19.12 -7.33
N GLU B 88 46.63 -18.18 -6.67
CA GLU B 88 48.06 -18.35 -6.38
C GLU B 88 48.29 -19.42 -5.32
N ALA B 89 47.31 -19.65 -4.44
CA ALA B 89 47.39 -20.74 -3.47
C ALA B 89 47.02 -22.09 -4.07
N GLY B 90 46.50 -22.11 -5.29
CA GLY B 90 46.09 -23.35 -5.92
C GLY B 90 44.84 -23.96 -5.34
N ILE B 91 43.93 -23.14 -4.82
CA ILE B 91 42.75 -23.62 -4.10
C ILE B 91 41.50 -23.19 -4.86
N GLN B 92 40.62 -24.15 -5.12
CA GLN B 92 39.41 -23.86 -5.87
C GLN B 92 38.60 -22.78 -5.17
N PHE B 93 37.97 -21.93 -5.96
CA PHE B 93 37.25 -20.76 -5.45
C PHE B 93 36.06 -20.53 -6.38
N ASP B 94 34.87 -20.98 -5.96
CA ASP B 94 33.65 -20.88 -6.77
C ASP B 94 32.94 -19.59 -6.41
N GLU B 95 33.14 -18.57 -7.23
CA GLU B 95 32.53 -17.27 -6.95
C GLU B 95 31.02 -17.26 -7.11
N SER B 96 30.44 -18.24 -7.83
CA SER B 96 29.00 -18.26 -7.98
C SER B 96 28.26 -18.60 -6.69
N GLN B 97 28.97 -19.06 -5.66
CA GLN B 97 28.29 -19.46 -4.44
C GLN B 97 27.74 -18.26 -3.68
N PHE B 98 28.35 -17.09 -3.85
CA PHE B 98 27.92 -15.91 -3.11
C PHE B 98 26.63 -15.37 -3.70
N VAL B 99 25.81 -14.76 -2.84
CA VAL B 99 24.63 -14.04 -3.31
C VAL B 99 25.11 -12.89 -4.19
N PRO B 100 24.66 -12.77 -5.43
CA PRO B 100 25.25 -11.76 -6.35
C PRO B 100 25.16 -10.33 -5.86
N THR B 101 24.05 -9.94 -5.24
CA THR B 101 23.99 -8.57 -4.75
C THR B 101 24.84 -8.37 -3.50
N VAL B 102 25.34 -9.44 -2.90
CA VAL B 102 26.24 -9.32 -1.75
C VAL B 102 27.68 -9.21 -2.21
N SER B 103 28.12 -10.10 -3.10
CA SER B 103 29.50 -10.07 -3.57
C SER B 103 29.73 -8.96 -4.58
N GLY B 104 28.67 -8.46 -5.22
CA GLY B 104 28.84 -7.52 -6.31
C GLY B 104 29.50 -6.23 -5.88
N TYR B 105 29.25 -5.79 -4.65
CA TYR B 105 29.87 -4.57 -4.14
C TYR B 105 31.38 -4.67 -4.18
N TYR B 106 31.91 -5.89 -4.11
CA TYR B 106 33.33 -6.13 -3.91
C TYR B 106 33.98 -6.81 -5.12
N SER B 107 33.37 -6.67 -6.29
CA SER B 107 33.75 -7.40 -7.49
C SER B 107 34.54 -6.50 -8.43
N ASP B 108 35.47 -7.11 -9.17
CA ASP B 108 36.24 -6.36 -10.16
C ASP B 108 35.33 -5.80 -11.26
N SER B 109 35.57 -4.55 -11.62
CA SER B 109 34.68 -3.85 -12.55
C SER B 109 34.76 -4.40 -13.96
N LYS B 110 35.86 -5.04 -14.33
CA LYS B 110 36.00 -5.61 -15.67
C LYS B 110 35.79 -7.11 -15.70
N THR B 111 36.13 -7.85 -14.64
CA THR B 111 36.07 -9.30 -14.71
C THR B 111 35.00 -9.91 -13.82
N GLY B 112 34.49 -9.18 -12.84
CA GLY B 112 33.55 -9.72 -11.89
C GLY B 112 34.18 -10.58 -10.82
N HIS B 113 35.50 -10.76 -10.84
CA HIS B 113 36.16 -11.55 -9.83
C HIS B 113 36.20 -10.78 -8.51
N LEU B 114 36.25 -11.54 -7.41
CA LEU B 114 36.15 -10.94 -6.07
C LEU B 114 37.46 -10.26 -5.69
N LEU B 115 37.36 -8.96 -5.40
CA LEU B 115 38.48 -8.21 -4.85
C LEU B 115 38.60 -8.45 -3.36
N SER B 116 37.48 -8.41 -2.64
CA SER B 116 37.46 -8.70 -1.21
C SER B 116 36.31 -9.66 -0.96
N GLN B 117 36.29 -10.30 0.20
CA GLN B 117 35.26 -11.29 0.47
C GLN B 117 34.21 -10.71 1.41
N PRO B 118 32.93 -10.60 1.00
CA PRO B 118 31.92 -10.09 1.93
C PRO B 118 31.96 -10.92 3.20
N PHE B 119 31.84 -10.24 4.34
CA PHE B 119 31.89 -10.96 5.62
C PHE B 119 30.64 -10.68 6.43
N ASN B 120 30.49 -9.49 6.98
CA ASN B 120 29.29 -9.10 7.73
C ASN B 120 28.50 -8.13 6.83
N SER B 121 27.48 -8.65 6.18
CA SER B 121 26.74 -7.87 5.19
C SER B 121 25.32 -7.62 5.69
N SER B 122 24.81 -6.43 5.40
CA SER B 122 23.49 -6.03 5.87
C SER B 122 22.79 -5.33 4.73
N THR B 123 21.49 -5.10 4.90
CA THR B 123 20.74 -4.27 3.97
C THR B 123 19.58 -3.68 4.75
N PRO B 124 19.08 -2.51 4.35
CA PRO B 124 17.98 -1.91 5.13
C PRO B 124 16.66 -2.62 4.89
N VAL B 125 15.88 -2.76 5.96
CA VAL B 125 14.56 -3.35 5.86
C VAL B 125 13.61 -2.48 6.67
N LEU B 126 12.31 -2.77 6.51
CA LEU B 126 11.26 -2.03 7.21
C LEU B 126 10.79 -2.80 8.44
N TYR B 127 10.93 -2.21 9.62
CA TYR B 127 10.40 -2.80 10.83
C TYR B 127 9.11 -2.06 11.17
N TYR B 128 8.08 -2.80 11.55
CA TYR B 128 6.83 -2.15 11.83
C TYR B 128 6.15 -2.80 13.03
N ASN B 129 5.33 -2.02 13.71
CA ASN B 129 4.70 -2.42 14.95
C ASN B 129 3.28 -2.88 14.61
N LYS B 130 3.05 -4.20 14.64
CA LYS B 130 1.75 -4.74 14.22
C LYS B 130 0.63 -4.33 15.15
N ASP B 131 0.94 -4.13 16.43
CA ASP B 131 -0.10 -3.72 17.36
C ASP B 131 -0.57 -2.29 17.05
N ALA B 132 0.39 -1.40 16.77
CA ALA B 132 0.08 -0.05 16.30
C ALA B 132 -0.72 -0.10 15.00
N PHE B 133 -0.34 -0.98 14.08
CA PHE B 133 -1.15 -1.15 12.87
C PHE B 133 -2.59 -1.49 13.22
N LYS B 134 -2.80 -2.49 14.08
CA LYS B 134 -4.15 -2.89 14.42
C LYS B 134 -4.92 -1.75 15.07
N LYS B 135 -4.27 -0.97 15.93
CA LYS B 135 -4.97 0.16 16.57
C LYS B 135 -5.37 1.22 15.56
N ALA B 136 -4.59 1.38 14.50
CA ALA B 136 -4.81 2.37 13.46
C ALA B 136 -5.74 1.86 12.37
N GLY B 137 -6.18 0.60 12.45
CA GLY B 137 -7.06 0.03 11.43
C GLY B 137 -6.33 -0.44 10.19
N LEU B 138 -5.01 -0.52 10.25
CA LEU B 138 -4.19 -1.06 9.17
C LEU B 138 -4.07 -2.57 9.32
N ASP B 139 -4.11 -3.28 8.21
CA ASP B 139 -3.94 -4.74 8.22
C ASP B 139 -2.58 -5.08 8.83
N PRO B 140 -2.55 -5.80 9.95
CA PRO B 140 -1.26 -6.03 10.63
C PRO B 140 -0.31 -6.92 9.85
N GLU B 141 -0.76 -7.56 8.77
CA GLU B 141 0.11 -8.39 7.94
C GLU B 141 0.43 -7.75 6.58
N GLN B 142 0.18 -6.45 6.43
CA GLN B 142 0.47 -5.75 5.18
C GLN B 142 1.38 -4.55 5.46
N PRO B 143 2.69 -4.74 5.59
CA PRO B 143 3.57 -3.59 5.65
C PRO B 143 3.49 -2.81 4.35
N PRO B 144 3.73 -1.50 4.40
CA PRO B 144 3.67 -0.72 3.15
C PRO B 144 4.82 -1.11 2.22
N LYS B 145 4.49 -1.38 0.95
CA LYS B 145 5.49 -1.77 -0.04
C LYS B 145 6.13 -0.59 -0.75
N THR B 146 5.47 0.56 -0.74
CA THR B 146 5.95 1.74 -1.43
C THR B 146 6.04 2.89 -0.46
N TRP B 147 6.88 3.87 -0.81
CA TRP B 147 6.98 5.06 0.02
C TRP B 147 5.64 5.77 0.08
N GLN B 148 4.88 5.75 -1.04
CA GLN B 148 3.57 6.38 -1.10
C GLN B 148 2.61 5.75 -0.08
N ASP B 149 2.56 4.42 -0.02
CA ASP B 149 1.78 3.76 1.02
C ASP B 149 2.33 4.08 2.40
N LEU B 150 3.66 4.04 2.54
CA LEU B 150 4.25 4.30 3.86
C LEU B 150 3.80 5.67 4.38
N ALA B 151 3.83 6.69 3.52
CA ALA B 151 3.40 8.03 3.91
C ALA B 151 1.96 8.01 4.40
N ASP B 152 1.10 7.27 3.69
CA ASP B 152 -0.30 7.23 4.10
C ASP B 152 -0.46 6.44 5.39
N TYR B 153 0.25 5.31 5.50
CA TYR B 153 0.16 4.55 6.74
C TYR B 153 0.66 5.38 7.89
N ALA B 154 1.77 6.09 7.70
CA ALA B 154 2.33 6.90 8.78
C ALA B 154 1.30 7.93 9.23
N ALA B 155 0.62 8.57 8.28
CA ALA B 155 -0.45 9.49 8.63
C ALA B 155 -1.52 8.79 9.46
N LYS B 156 -1.94 7.59 9.02
CA LYS B 156 -2.96 6.86 9.79
C LYS B 156 -2.44 6.52 11.17
N LEU B 157 -1.17 6.13 11.27
CA LEU B 157 -0.60 5.76 12.56
C LEU B 157 -0.50 6.97 13.49
N LYS B 158 -0.05 8.12 12.97
CA LYS B 158 0.02 9.29 13.82
C LYS B 158 -1.37 9.71 14.26
N ALA B 159 -2.34 9.64 13.35
CA ALA B 159 -3.70 10.02 13.69
C ALA B 159 -4.32 9.10 14.74
N SER B 160 -3.76 7.90 14.91
CA SER B 160 -4.29 6.91 15.83
C SER B 160 -3.64 6.95 17.20
N GLY B 161 -2.70 7.85 17.42
CA GLY B 161 -2.10 8.01 18.74
C GLY B 161 -0.62 7.69 18.86
N MET B 162 0.07 7.25 17.80
CA MET B 162 1.50 7.04 17.90
C MET B 162 2.23 8.38 17.94
N LYS B 163 3.30 8.44 18.75
CA LYS B 163 4.08 9.66 18.85
C LYS B 163 4.83 9.95 17.55
N CYS B 164 5.22 8.91 16.83
CA CYS B 164 6.00 9.04 15.61
C CYS B 164 5.47 8.00 14.63
N GLY B 165 5.28 8.42 13.39
CA GLY B 165 4.83 7.49 12.38
C GLY B 165 6.00 6.71 11.82
N TYR B 166 6.98 7.44 11.29
CA TYR B 166 8.13 6.87 10.61
C TYR B 166 9.39 7.65 10.98
N ALA B 167 10.48 6.92 11.27
CA ALA B 167 11.76 7.55 11.56
C ALA B 167 12.86 6.67 11.02
N SER B 168 13.98 7.28 10.63
CA SER B 168 15.08 6.56 10.01
C SER B 168 16.39 7.32 10.20
N GLY B 169 17.43 6.58 10.55
CA GLY B 169 18.80 7.05 10.43
C GLY B 169 19.37 6.71 9.06
N SER B 170 20.70 6.68 8.99
CA SER B 170 21.41 6.23 7.79
C SER B 170 20.85 6.89 6.53
N GLN B 171 20.79 8.22 6.56
CA GLN B 171 19.97 8.98 5.63
C GLN B 171 20.44 8.82 4.19
N GLY B 172 21.70 9.16 3.92
CA GLY B 172 22.21 8.95 2.58
C GLY B 172 22.14 7.49 2.15
N SER B 173 22.55 6.59 3.04
CA SER B 173 22.54 5.17 2.72
C SER B 173 21.14 4.71 2.35
N ILE B 174 20.13 5.06 3.13
CA ILE B 174 18.78 4.53 2.88
C ILE B 174 18.05 5.36 1.82
N GLN B 175 18.10 6.67 1.97
CA GLN B 175 17.25 7.54 1.17
C GLN B 175 17.86 7.94 -0.17
N LEU B 176 19.15 7.69 -0.38
CA LEU B 176 19.81 8.08 -1.62
C LEU B 176 20.57 6.92 -2.24
N GLU B 177 21.47 6.29 -1.46
CA GLU B 177 22.26 5.21 -2.02
C GLU B 177 21.38 4.00 -2.34
N ASN B 178 20.74 3.43 -1.31
CA ASN B 178 19.82 2.32 -1.55
C ASN B 178 18.62 2.74 -2.37
N PHE B 179 18.13 3.95 -2.13
CA PHE B 179 16.99 4.42 -2.91
C PHE B 179 17.29 4.33 -4.41
N SER B 180 18.46 4.79 -4.82
CA SER B 180 18.78 4.78 -6.24
C SER B 180 18.84 3.35 -6.80
N ALA B 181 19.61 2.47 -6.15
CA ALA B 181 19.75 1.11 -6.67
C ALA B 181 18.40 0.40 -6.73
N TRP B 182 17.66 0.46 -5.64
CA TRP B 182 16.39 -0.26 -5.49
C TRP B 182 15.34 0.25 -6.45
N ASN B 183 15.47 1.50 -6.89
CA ASN B 183 14.57 2.09 -7.88
C ASN B 183 15.20 2.18 -9.27
N GLY B 184 16.32 1.48 -9.49
CA GLY B 184 16.84 1.30 -10.84
C GLY B 184 17.59 2.48 -11.40
N LEU B 185 18.17 3.31 -10.54
CA LEU B 185 18.84 4.55 -10.88
C LEU B 185 20.30 4.46 -10.45
N PRO B 186 21.20 5.14 -11.16
CA PRO B 186 22.58 5.28 -10.66
C PRO B 186 22.67 6.31 -9.54
N PHE B 187 23.59 6.08 -8.59
CA PHE B 187 23.92 7.13 -7.63
C PHE B 187 25.01 8.05 -8.19
N ALA B 188 25.84 7.54 -9.10
CA ALA B 188 26.95 8.29 -9.71
C ALA B 188 27.27 7.71 -11.07
N SER B 189 27.99 8.50 -11.87
CA SER B 189 28.35 8.08 -13.22
C SER B 189 29.42 7.00 -13.17
N LYS B 190 29.83 6.51 -14.34
CA LYS B 190 30.83 5.45 -14.45
C LYS B 190 30.40 4.20 -13.69
N ASN B 191 29.13 3.82 -13.86
CA ASN B 191 28.57 2.67 -13.17
C ASN B 191 28.80 2.75 -11.67
N ASN B 192 28.34 3.86 -11.08
CA ASN B 192 28.37 4.05 -9.63
C ASN B 192 29.79 4.08 -9.10
N GLY B 193 30.70 4.64 -9.90
CA GLY B 193 32.10 4.68 -9.58
C GLY B 193 32.92 3.47 -9.99
N PHE B 194 32.29 2.37 -10.41
CA PHE B 194 33.05 1.17 -10.73
C PHE B 194 34.05 1.39 -11.86
N ASP B 195 33.74 2.27 -12.80
CA ASP B 195 34.54 2.39 -14.02
C ASP B 195 35.56 3.51 -14.01
N GLY B 196 35.72 4.22 -12.91
CA GLY B 196 36.83 5.14 -12.82
C GLY B 196 36.62 6.18 -11.74
N THR B 197 37.72 6.81 -11.35
CA THR B 197 37.71 7.88 -10.35
C THR B 197 37.27 9.19 -10.95
N ASP B 198 36.95 9.22 -12.24
CA ASP B 198 36.38 10.40 -12.86
C ASP B 198 34.86 10.48 -12.72
N ALA B 199 34.25 9.62 -11.92
CA ALA B 199 32.80 9.58 -11.77
C ALA B 199 32.30 10.89 -11.16
N VAL B 200 31.04 11.19 -11.44
CA VAL B 200 30.37 12.34 -10.85
C VAL B 200 29.06 11.89 -10.22
N LEU B 201 28.62 12.64 -9.21
CA LEU B 201 27.40 12.28 -8.48
C LEU B 201 26.16 12.58 -9.32
N GLU B 202 25.19 11.68 -9.24
CA GLU B 202 24.02 11.75 -10.11
C GLU B 202 22.72 11.52 -9.34
N PHE B 203 22.74 11.71 -8.03
CA PHE B 203 21.59 11.43 -7.18
C PHE B 203 20.68 12.62 -7.02
N ASN B 204 20.92 13.69 -7.79
CA ASN B 204 20.04 14.87 -7.80
C ASN B 204 19.05 14.92 -8.98
N LYS B 205 18.69 13.76 -9.54
CA LYS B 205 17.77 13.63 -10.67
C LYS B 205 16.32 13.71 -10.19
N PRO B 206 15.37 13.85 -11.12
CA PRO B 206 13.98 14.06 -10.69
C PRO B 206 13.45 13.02 -9.73
N GLU B 207 13.88 11.77 -9.87
CA GLU B 207 13.34 10.71 -9.03
C GLU B 207 13.78 10.88 -7.59
N GLN B 208 15.08 11.16 -7.36
CA GLN B 208 15.54 11.34 -5.98
C GLN B 208 14.97 12.60 -5.37
N VAL B 209 14.83 13.67 -6.18
CA VAL B 209 14.28 14.91 -5.65
C VAL B 209 12.82 14.72 -5.23
N LYS B 210 12.05 13.98 -6.04
CA LYS B 210 10.67 13.64 -5.69
C LYS B 210 10.63 12.85 -4.37
N HIS B 211 11.59 11.94 -4.16
CA HIS B 211 11.58 11.12 -2.94
C HIS B 211 11.83 11.99 -1.70
N ILE B 212 12.84 12.86 -1.77
CA ILE B 212 13.12 13.73 -0.63
C ILE B 212 11.96 14.69 -0.40
N ALA B 213 11.35 15.18 -1.48
CA ALA B 213 10.16 16.00 -1.36
C ALA B 213 9.05 15.24 -0.62
N MET B 214 8.88 13.96 -0.94
CA MET B 214 7.82 13.18 -0.30
C MET B 214 8.09 13.07 1.19
N LEU B 215 9.34 12.87 1.56
CA LEU B 215 9.68 12.80 2.98
C LEU B 215 9.50 14.15 3.68
N GLU B 216 9.84 15.24 3.00
CA GLU B 216 9.70 16.54 3.63
C GLU B 216 8.24 16.90 3.79
N GLU B 217 7.39 16.45 2.87
CA GLU B 217 5.96 16.65 3.08
C GLU B 217 5.46 15.87 4.29
N MET B 218 6.02 14.67 4.52
CA MET B 218 5.66 13.91 5.70
C MET B 218 6.13 14.62 6.96
N ASN B 219 7.37 15.14 6.94
CA ASN B 219 7.90 15.87 8.09
C ASN B 219 7.02 17.06 8.43
N LYS B 220 6.58 17.80 7.42
CA LYS B 220 5.75 18.98 7.66
C LYS B 220 4.46 18.61 8.39
N LYS B 221 3.90 17.43 8.10
CA LYS B 221 2.67 16.97 8.72
C LYS B 221 2.89 16.25 10.06
N GLY B 222 4.13 16.06 10.48
CA GLY B 222 4.42 15.31 11.68
C GLY B 222 4.39 13.80 11.53
N ASP B 223 4.39 13.27 10.31
CA ASP B 223 4.31 11.83 10.11
C ASP B 223 5.67 11.17 9.96
N PHE B 224 6.70 11.97 9.66
CA PHE B 224 8.10 11.57 9.69
C PHE B 224 8.76 12.37 10.81
N SER B 225 9.58 11.70 11.60
CA SER B 225 10.30 12.32 12.70
C SER B 225 11.79 12.12 12.49
N TYR B 226 12.56 13.20 12.52
CA TYR B 226 14.00 13.09 12.46
C TYR B 226 14.50 12.95 13.88
N VAL B 227 15.24 11.87 14.16
CA VAL B 227 15.71 11.58 15.50
C VAL B 227 17.23 11.49 15.59
N GLY B 228 17.94 11.80 14.52
CA GLY B 228 19.38 11.70 14.49
C GLY B 228 19.87 10.86 13.34
N ARG B 229 21.19 10.85 13.18
CA ARG B 229 21.80 10.18 12.05
C ARG B 229 22.08 8.70 12.30
N LYS B 230 22.02 8.26 13.55
CA LYS B 230 22.45 6.91 13.91
C LYS B 230 21.30 5.97 14.22
N ASP B 231 21.51 5.09 15.20
CA ASP B 231 20.56 4.04 15.57
C ASP B 231 19.46 4.52 16.50
N GLU B 232 19.35 5.84 16.70
CA GLU B 232 18.33 6.37 17.60
C GLU B 232 16.96 5.83 17.25
N SER B 233 16.64 5.78 15.96
CA SER B 233 15.30 5.37 15.56
C SER B 233 15.01 3.92 15.91
N THR B 234 16.04 3.07 15.95
CA THR B 234 15.82 1.67 16.28
C THR B 234 15.35 1.50 17.73
N GLU B 235 16.00 2.21 18.67
CA GLU B 235 15.55 2.18 20.06
C GLU B 235 14.14 2.74 20.18
N LYS B 236 13.87 3.85 19.49
CA LYS B 236 12.51 4.42 19.51
C LYS B 236 11.49 3.48 18.89
N PHE B 237 11.90 2.66 17.93
CA PHE B 237 10.99 1.62 17.44
C PHE B 237 10.75 0.56 18.52
N TYR B 238 11.82 -0.06 19.03
CA TYR B 238 11.62 -1.20 19.92
C TYR B 238 11.12 -0.81 21.30
N ASN B 239 11.25 0.46 21.69
CA ASN B 239 10.62 0.90 22.94
C ASN B 239 9.18 1.38 22.73
N GLY B 240 8.66 1.32 21.52
CA GLY B 240 7.26 1.56 21.28
C GLY B 240 6.88 2.98 20.93
N ASP B 241 7.85 3.87 20.71
CA ASP B 241 7.54 5.26 20.39
C ASP B 241 7.29 5.49 18.91
N CYS B 242 7.90 4.69 18.04
CA CYS B 242 7.85 4.91 16.60
C CYS B 242 7.23 3.68 15.94
N ALA B 243 6.23 3.91 15.06
CA ALA B 243 5.47 2.77 14.51
C ALA B 243 6.23 2.03 13.42
N MET B 244 7.11 2.72 12.69
CA MET B 244 7.81 2.13 11.56
C MET B 244 9.20 2.74 11.50
N THR B 245 10.18 1.92 11.16
CA THR B 245 11.51 2.47 10.90
C THR B 245 12.16 1.60 9.84
N THR B 246 12.99 2.23 9.01
CA THR B 246 13.87 1.53 8.09
C THR B 246 15.24 1.52 8.73
N ALA B 247 15.82 0.32 8.87
CA ALA B 247 17.12 0.21 9.52
C ALA B 247 17.80 -1.07 9.06
N SER B 248 19.04 -1.24 9.49
CA SER B 248 19.82 -2.37 9.05
C SER B 248 19.09 -3.66 9.38
N SER B 249 19.18 -4.63 8.47
CA SER B 249 18.77 -5.99 8.79
C SER B 249 19.46 -6.53 10.03
N GLY B 250 20.65 -6.02 10.34
CA GLY B 250 21.37 -6.46 11.54
C GLY B 250 20.73 -6.02 12.84
N SER B 251 19.80 -5.06 12.78
CA SER B 251 19.12 -4.60 13.98
C SER B 251 18.05 -5.55 14.47
N LEU B 252 17.69 -6.57 13.69
CA LEU B 252 16.59 -7.43 14.09
C LEU B 252 16.88 -8.12 15.41
N ALA B 253 18.14 -8.51 15.64
CA ALA B 253 18.48 -9.21 16.87
C ALA B 253 18.13 -8.37 18.10
N ASN B 254 18.51 -7.09 18.10
CA ASN B 254 18.15 -6.24 19.24
C ASN B 254 16.64 -5.97 19.29
N ILE B 255 15.99 -5.83 18.14
CA ILE B 255 14.54 -5.66 18.16
C ILE B 255 13.88 -6.89 18.76
N ARG B 256 14.29 -8.07 18.32
CA ARG B 256 13.71 -9.30 18.86
C ARG B 256 13.94 -9.39 20.36
N GLU B 257 15.07 -8.89 20.85
CA GLU B 257 15.40 -9.01 22.27
C GLU B 257 14.57 -8.07 23.13
N TYR B 258 14.27 -6.86 22.62
CA TYR B 258 13.75 -5.80 23.48
C TYR B 258 12.33 -5.36 23.19
N ALA B 259 11.78 -5.66 22.01
CA ALA B 259 10.43 -5.21 21.69
C ALA B 259 9.42 -6.03 22.48
N LYS B 260 8.55 -5.34 23.21
CA LYS B 260 7.52 -5.99 23.99
C LYS B 260 6.20 -6.09 23.21
N PHE B 261 6.18 -5.68 21.95
CA PHE B 261 5.01 -5.71 21.10
C PHE B 261 5.25 -6.67 19.94
N ASN B 262 4.20 -6.96 19.18
CA ASN B 262 4.32 -7.81 18.01
C ASN B 262 4.84 -6.98 16.85
N TYR B 263 6.03 -7.32 16.35
CA TYR B 263 6.65 -6.60 15.24
C TYR B 263 6.68 -7.48 13.99
N GLY B 264 6.83 -6.81 12.86
CA GLY B 264 7.06 -7.50 11.61
C GLY B 264 8.21 -6.85 10.86
N VAL B 265 8.64 -7.52 9.82
CA VAL B 265 9.77 -7.05 9.00
C VAL B 265 9.33 -7.13 7.55
N GLY B 266 9.31 -5.98 6.88
CA GLY B 266 8.99 -5.92 5.47
C GLY B 266 10.23 -5.52 4.67
N MET B 267 10.13 -5.68 3.35
CA MET B 267 11.20 -5.17 2.53
C MET B 267 11.24 -3.65 2.58
N MET B 268 12.41 -3.10 2.30
CA MET B 268 12.53 -1.66 2.07
C MET B 268 11.45 -1.18 1.09
N PRO B 269 10.70 -0.12 1.42
CA PRO B 269 9.75 0.40 0.44
C PRO B 269 10.49 0.89 -0.80
N TYR B 270 9.82 0.82 -1.94
CA TYR B 270 10.31 1.47 -3.16
C TYR B 270 9.33 2.57 -3.59
N ASP B 271 9.77 3.34 -4.57
CA ASP B 271 8.94 4.39 -5.17
C ASP B 271 7.95 3.81 -6.19
N ALA B 272 6.65 3.95 -5.93
CA ALA B 272 5.64 3.45 -6.88
C ALA B 272 5.81 3.96 -8.31
N ASP B 273 6.47 5.12 -8.50
CA ASP B 273 6.64 5.71 -9.82
C ASP B 273 7.77 5.09 -10.62
N ALA B 274 8.67 4.35 -9.97
CA ALA B 274 9.93 4.00 -10.59
C ALA B 274 9.73 2.87 -11.60
N LYS B 275 10.24 3.06 -12.80
CA LYS B 275 10.14 2.01 -13.81
C LYS B 275 10.92 0.78 -13.39
N ASP B 276 10.33 -0.39 -13.63
CA ASP B 276 10.94 -1.70 -13.35
C ASP B 276 11.49 -1.81 -11.93
N ALA B 277 10.88 -1.11 -10.97
CA ALA B 277 11.23 -1.20 -9.56
C ALA B 277 10.31 -2.19 -8.87
N PRO B 278 10.77 -2.84 -7.78
CA PRO B 278 12.11 -2.70 -7.21
C PRO B 278 13.15 -3.42 -8.05
N GLN B 279 14.39 -2.92 -8.00
CA GLN B 279 15.47 -3.50 -8.78
C GLN B 279 16.30 -4.35 -7.84
N ASN B 280 17.34 -3.77 -7.23
CA ASN B 280 18.09 -4.52 -6.22
C ASN B 280 18.59 -3.56 -5.16
N ALA B 281 18.81 -4.11 -3.97
CA ALA B 281 19.39 -3.33 -2.90
C ALA B 281 20.91 -3.43 -3.00
N ILE B 282 21.59 -2.56 -2.28
CA ILE B 282 23.03 -2.72 -2.12
C ILE B 282 23.35 -3.07 -0.66
N ILE B 283 24.50 -3.64 -0.46
CA ILE B 283 24.82 -4.14 0.89
C ILE B 283 25.53 -3.05 1.68
N GLY B 284 25.45 -3.20 2.99
CA GLY B 284 26.26 -2.48 3.94
C GLY B 284 27.13 -3.47 4.72
N GLY B 285 27.73 -2.96 5.77
CA GLY B 285 28.65 -3.80 6.54
C GLY B 285 30.06 -3.74 6.01
N ALA B 286 30.75 -4.88 5.96
CA ALA B 286 32.17 -4.87 5.64
C ALA B 286 32.56 -6.11 4.84
N SER B 287 33.81 -6.08 4.36
CA SER B 287 34.41 -7.21 3.64
C SER B 287 35.83 -7.44 4.14
N LEU B 288 36.40 -8.58 3.74
CA LEU B 288 37.75 -8.95 4.16
C LEU B 288 38.69 -8.73 2.99
N TRP B 289 39.66 -7.83 3.19
CA TRP B 289 40.71 -7.59 2.22
C TRP B 289 41.96 -8.36 2.62
N VAL B 290 42.67 -8.84 1.62
CA VAL B 290 43.97 -9.47 1.83
C VAL B 290 45.05 -8.45 1.48
N MET B 291 45.98 -8.22 2.41
CA MET B 291 47.00 -7.19 2.20
C MET B 291 48.23 -7.72 1.49
N GLN B 292 48.82 -6.86 0.68
CA GLN B 292 50.13 -7.12 0.09
C GLN B 292 51.20 -7.16 1.17
N GLY B 293 52.36 -7.74 0.82
CA GLY B 293 53.48 -7.67 1.70
C GLY B 293 53.59 -8.80 2.70
N LYS B 294 52.92 -9.93 2.45
CA LYS B 294 53.03 -11.11 3.31
C LYS B 294 53.78 -12.22 2.60
N ASP B 295 54.14 -13.26 3.35
CA ASP B 295 54.87 -14.38 2.79
C ASP B 295 53.91 -15.43 2.22
N LYS B 296 54.47 -16.39 1.54
CA LYS B 296 53.68 -17.34 0.77
C LYS B 296 52.81 -18.22 1.67
N GLU B 297 53.35 -18.73 2.78
CA GLU B 297 52.57 -19.62 3.61
C GLU B 297 51.40 -18.86 4.22
N THR B 298 51.62 -17.59 4.55
CA THR B 298 50.52 -16.74 5.01
C THR B 298 49.37 -16.71 4.01
N TYR B 299 49.67 -16.49 2.75
CA TYR B 299 48.58 -16.41 1.78
C TYR B 299 47.86 -17.74 1.60
N THR B 300 48.58 -18.86 1.74
CA THR B 300 47.88 -20.15 1.69
C THR B 300 46.89 -20.30 2.86
N GLY B 301 47.33 -19.97 4.07
CA GLY B 301 46.43 -20.03 5.20
C GLY B 301 45.28 -19.05 5.09
N VAL B 302 45.52 -17.85 4.52
CA VAL B 302 44.44 -16.90 4.28
C VAL B 302 43.38 -17.53 3.39
N ALA B 303 43.81 -18.17 2.31
CA ALA B 303 42.83 -18.75 1.40
C ALA B 303 42.04 -19.85 2.08
N LYS B 304 42.69 -20.69 2.90
CA LYS B 304 41.99 -21.73 3.65
C LYS B 304 40.98 -21.13 4.64
N PHE B 305 41.35 -20.02 5.29
CA PHE B 305 40.44 -19.38 6.23
C PHE B 305 39.25 -18.75 5.53
N LEU B 306 39.51 -18.07 4.42
CA LEU B 306 38.38 -17.48 3.69
C LEU B 306 37.45 -18.56 3.15
N ASP B 307 38.03 -19.69 2.71
CA ASP B 307 37.20 -20.81 2.29
C ASP B 307 36.37 -21.34 3.45
N PHE B 308 37.00 -21.47 4.62
CA PHE B 308 36.29 -21.92 5.81
C PHE B 308 35.14 -20.99 6.15
N LEU B 309 35.36 -19.68 6.09
CA LEU B 309 34.29 -18.74 6.44
C LEU B 309 33.09 -18.85 5.51
N ALA B 310 33.32 -19.21 4.26
CA ALA B 310 32.22 -19.27 3.30
C ALA B 310 31.59 -20.65 3.17
N LYS B 311 32.12 -21.65 3.89
CA LYS B 311 31.48 -22.96 3.89
C LYS B 311 30.05 -22.81 4.40
N PRO B 312 29.12 -23.62 3.91
CA PRO B 312 27.71 -23.43 4.31
C PRO B 312 27.44 -23.34 5.80
N GLU B 313 27.97 -24.28 6.59
CA GLU B 313 27.70 -24.30 8.03
C GLU B 313 28.26 -23.08 8.72
N ASN B 314 29.40 -22.57 8.26
CA ASN B 314 30.01 -21.44 8.95
C ASN B 314 29.37 -20.12 8.54
N ALA B 315 29.00 -19.98 7.26
CA ALA B 315 28.25 -18.82 6.80
C ALA B 315 26.86 -18.79 7.41
N ALA B 316 26.22 -19.95 7.51
CA ALA B 316 24.94 -20.02 8.22
C ALA B 316 25.10 -19.63 9.68
N GLU B 317 26.15 -20.13 10.34
CA GLU B 317 26.30 -19.81 11.75
C GLU B 317 26.50 -18.33 11.98
N TRP B 318 27.35 -17.69 11.16
CA TRP B 318 27.54 -16.25 11.28
C TRP B 318 26.21 -15.53 11.17
N HIS B 319 25.41 -15.91 10.17
CA HIS B 319 24.11 -15.27 9.93
C HIS B 319 23.18 -15.47 11.11
N GLN B 320 23.09 -16.70 11.63
CA GLN B 320 22.15 -16.96 12.72
C GLN B 320 22.63 -16.37 14.04
N LYS B 321 23.94 -16.37 14.29
CA LYS B 321 24.48 -15.92 15.57
C LYS B 321 24.60 -14.40 15.65
N THR B 322 24.88 -13.74 14.53
CA THR B 322 25.14 -12.31 14.59
C THR B 322 23.99 -11.47 14.07
N GLY B 323 23.12 -12.04 13.24
CA GLY B 323 22.08 -11.26 12.60
C GLY B 323 22.44 -10.63 11.27
N TYR B 324 23.68 -10.77 10.81
CA TYR B 324 24.06 -10.34 9.46
C TYR B 324 23.50 -11.34 8.42
N LEU B 325 23.59 -10.96 7.14
CA LEU B 325 23.04 -11.75 6.05
C LEU B 325 23.82 -13.05 5.81
N PRO B 326 23.16 -14.08 5.29
CA PRO B 326 23.90 -15.23 4.74
C PRO B 326 24.59 -14.81 3.45
N ILE B 327 25.91 -14.99 3.38
CA ILE B 327 26.65 -14.47 2.22
C ILE B 327 26.54 -15.38 1.00
N THR B 328 26.11 -16.63 1.18
CA THR B 328 25.95 -17.58 0.11
C THR B 328 24.52 -18.12 0.08
N LYS B 329 24.08 -18.53 -1.10
CA LYS B 329 22.77 -19.17 -1.21
C LYS B 329 22.70 -20.44 -0.38
N ALA B 330 23.79 -21.20 -0.35
CA ALA B 330 23.82 -22.44 0.44
C ALA B 330 23.59 -22.17 1.92
N ALA B 331 24.12 -21.07 2.44
CA ALA B 331 23.93 -20.76 3.86
C ALA B 331 22.48 -20.41 4.15
N TYR B 332 21.83 -19.70 3.22
CA TYR B 332 20.42 -19.39 3.35
C TYR B 332 19.60 -20.67 3.31
N ASP B 333 19.89 -21.55 2.35
CA ASP B 333 19.15 -22.82 2.25
C ASP B 333 19.32 -23.65 3.52
N LEU B 334 20.56 -23.77 4.02
CA LEU B 334 20.79 -24.54 5.22
C LEU B 334 20.02 -23.96 6.40
N THR B 335 20.07 -22.63 6.55
CA THR B 335 19.33 -21.98 7.63
C THR B 335 17.84 -22.26 7.51
N ARG B 336 17.32 -22.24 6.29
CA ARG B 336 15.90 -22.52 6.08
C ARG B 336 15.57 -23.96 6.46
N GLU B 337 16.41 -24.91 6.01
CA GLU B 337 16.20 -26.32 6.31
C GLU B 337 16.32 -26.62 7.79
N GLN B 338 17.14 -25.86 8.51
CA GLN B 338 17.28 -26.04 9.95
C GLN B 338 16.07 -25.54 10.73
N GLY B 339 15.11 -24.88 10.08
CA GLY B 339 13.95 -24.37 10.75
C GLY B 339 14.12 -23.01 11.38
N PHE B 340 15.25 -22.35 11.13
CA PHE B 340 15.56 -21.11 11.83
C PHE B 340 14.54 -20.01 11.52
N TYR B 341 14.04 -19.93 10.28
CA TYR B 341 13.12 -18.86 9.91
C TYR B 341 11.74 -19.05 10.52
N GLU B 342 11.39 -20.29 10.89
CA GLU B 342 10.14 -20.53 11.59
C GLU B 342 10.17 -19.96 13.00
N LYS B 343 11.32 -20.07 13.67
CA LYS B 343 11.48 -19.59 15.04
C LYS B 343 11.86 -18.12 15.10
N ASN B 344 12.31 -17.54 13.99
CA ASN B 344 12.78 -16.16 13.93
C ASN B 344 12.05 -15.48 12.80
N PRO B 345 10.76 -15.19 12.98
CA PRO B 345 9.98 -14.61 11.89
C PRO B 345 10.60 -13.30 11.43
N GLY B 346 10.66 -13.14 10.12
CA GLY B 346 11.24 -11.95 9.52
C GLY B 346 12.75 -11.99 9.33
N ALA B 347 13.44 -13.00 9.88
CA ALA B 347 14.87 -13.06 9.73
C ALA B 347 15.30 -13.42 8.32
N ASP B 348 14.37 -13.87 7.47
CA ASP B 348 14.64 -14.16 6.07
C ASP B 348 14.27 -13.01 5.14
N THR B 349 13.60 -11.97 5.64
CA THR B 349 13.11 -10.91 4.75
C THR B 349 14.27 -10.24 4.03
N ALA B 350 15.36 -10.00 4.76
CA ALA B 350 16.47 -9.29 4.13
C ALA B 350 17.06 -10.12 3.01
N THR B 351 17.19 -11.43 3.21
CA THR B 351 17.72 -12.27 2.13
C THR B 351 16.81 -12.27 0.93
N ARG B 352 15.50 -12.40 1.16
CA ARG B 352 14.55 -12.32 0.05
C ARG B 352 14.72 -11.00 -0.69
N GLN B 353 14.95 -9.91 0.04
CA GLN B 353 15.20 -8.63 -0.61
C GLN B 353 16.47 -8.70 -1.47
N MET B 354 17.54 -9.30 -0.94
CA MET B 354 18.77 -9.37 -1.71
C MET B 354 18.63 -10.26 -2.93
N LEU B 355 17.67 -11.18 -2.93
CA LEU B 355 17.47 -12.10 -4.05
C LEU B 355 16.51 -11.56 -5.10
N ASN B 356 16.13 -10.28 -5.00
CA ASN B 356 15.04 -9.77 -5.83
C ASN B 356 15.38 -9.84 -7.31
N LYS B 357 16.48 -9.23 -7.72
CA LYS B 357 16.92 -9.20 -9.10
C LYS B 357 18.44 -9.19 -9.11
N PRO B 358 19.06 -9.64 -10.20
CA PRO B 358 20.50 -9.46 -10.35
C PRO B 358 20.84 -7.98 -10.49
N PRO B 359 22.04 -7.56 -10.09
CA PRO B 359 22.39 -6.15 -10.22
C PRO B 359 22.59 -5.74 -11.68
N LEU B 360 22.24 -4.48 -11.96
CA LEU B 360 22.58 -3.86 -13.23
C LEU B 360 24.03 -3.39 -13.17
N PRO B 361 24.62 -2.98 -14.29
CA PRO B 361 26.01 -2.51 -14.24
C PRO B 361 26.23 -1.37 -13.24
N PHE B 362 25.21 -0.53 -13.03
CA PHE B 362 25.27 0.59 -12.10
C PHE B 362 24.53 0.34 -10.78
N THR B 363 24.13 -0.90 -10.49
CA THR B 363 23.56 -1.18 -9.17
C THR B 363 24.27 -2.33 -8.45
N LYS B 364 25.54 -2.58 -8.79
CA LYS B 364 26.32 -3.58 -8.08
C LYS B 364 26.75 -3.10 -6.69
N GLY B 365 26.81 -1.79 -6.51
CA GLY B 365 27.35 -1.21 -5.29
C GLY B 365 27.80 0.21 -5.60
N LEU B 366 28.52 0.80 -4.65
CA LEU B 366 29.06 2.13 -4.83
C LEU B 366 30.57 2.02 -4.71
N ARG B 367 31.29 2.73 -5.57
CA ARG B 367 32.75 2.66 -5.50
C ARG B 367 33.28 4.07 -5.66
N LEU B 368 33.21 4.85 -4.60
CA LEU B 368 33.59 6.24 -4.65
C LEU B 368 34.58 6.54 -3.53
N GLY B 369 35.63 7.25 -3.87
CA GLY B 369 36.53 7.76 -2.86
C GLY B 369 35.84 8.78 -2.00
N ASN B 370 36.35 8.91 -0.76
CA ASN B 370 35.81 9.87 0.22
C ASN B 370 34.35 9.64 0.49
N MET B 371 33.91 8.39 0.34
CA MET B 371 32.51 8.09 0.59
C MET B 371 32.09 8.34 2.04
N PRO B 372 32.89 8.04 3.07
CA PRO B 372 32.42 8.38 4.43
C PRO B 372 32.13 9.86 4.60
N GLN B 373 32.90 10.71 3.93
CA GLN B 373 32.70 12.15 4.01
C GLN B 373 31.46 12.58 3.22
N ILE B 374 31.22 11.95 2.07
CA ILE B 374 30.07 12.29 1.27
C ILE B 374 28.79 11.94 2.02
N ARG B 375 28.80 10.85 2.78
CA ARG B 375 27.66 10.54 3.64
C ARG B 375 27.40 11.67 4.63
N VAL B 376 28.44 12.24 5.22
CA VAL B 376 28.23 13.32 6.17
C VAL B 376 27.65 14.55 5.46
N ILE B 377 28.14 14.82 4.26
CA ILE B 377 27.61 15.92 3.46
C ILE B 377 26.12 15.73 3.21
N VAL B 378 25.73 14.50 2.87
CA VAL B 378 24.31 14.22 2.65
C VAL B 378 23.52 14.46 3.93
N ASP B 379 24.05 14.02 5.07
CA ASP B 379 23.34 14.19 6.33
C ASP B 379 23.09 15.66 6.61
N GLU B 380 24.08 16.51 6.33
CA GLU B 380 23.94 17.93 6.61
C GLU B 380 22.95 18.60 5.65
N GLU B 381 23.03 18.29 4.36
CA GLU B 381 22.09 18.88 3.41
C GLU B 381 20.67 18.39 3.64
N LEU B 382 20.51 17.12 4.04
CA LEU B 382 19.15 16.63 4.32
C LEU B 382 18.59 17.23 5.60
N GLU B 383 19.44 17.46 6.61
CA GLU B 383 18.97 18.22 7.75
C GLU B 383 18.50 19.61 7.32
N SER B 384 19.14 20.19 6.29
CA SER B 384 18.73 21.48 5.77
C SER B 384 17.34 21.43 5.12
N VAL B 385 16.94 20.27 4.60
CA VAL B 385 15.57 20.13 4.11
C VAL B 385 14.60 20.05 5.30
N TRP B 386 14.95 19.29 6.34
CA TRP B 386 13.99 19.05 7.42
C TRP B 386 13.72 20.32 8.21
N THR B 387 14.66 21.26 8.24
CA THR B 387 14.48 22.50 8.97
C THR B 387 13.89 23.61 8.11
N GLY B 388 13.67 23.36 6.82
CA GLY B 388 13.06 24.32 5.94
C GLY B 388 14.00 25.29 5.25
N LYS B 389 15.32 25.09 5.36
CA LYS B 389 16.27 26.04 4.81
C LYS B 389 16.45 25.87 3.30
N LYS B 390 16.44 24.64 2.80
CA LYS B 390 16.62 24.38 1.38
C LYS B 390 15.48 23.52 0.86
N THR B 391 15.12 23.72 -0.40
CA THR B 391 14.23 22.78 -1.06
C THR B 391 14.96 21.46 -1.29
N PRO B 392 14.22 20.37 -1.50
CA PRO B 392 14.87 19.11 -1.91
C PRO B 392 15.82 19.26 -3.09
N GLN B 393 15.43 20.00 -4.13
CA GLN B 393 16.30 20.22 -5.29
C GLN B 393 17.57 20.95 -4.88
N GLN B 394 17.44 21.97 -4.02
CA GLN B 394 18.60 22.74 -3.59
C GLN B 394 19.56 21.88 -2.80
N ALA B 395 19.05 21.05 -1.88
CA ALA B 395 19.94 20.22 -1.07
C ALA B 395 20.62 19.16 -1.92
N LEU B 396 19.88 18.48 -2.79
CA LEU B 396 20.52 17.46 -3.61
C LEU B 396 21.50 18.06 -4.62
N ASP B 397 21.19 19.23 -5.18
CA ASP B 397 22.17 19.85 -6.06
C ASP B 397 23.42 20.27 -5.29
N THR B 398 23.22 20.83 -4.08
CA THR B 398 24.35 21.25 -3.26
C THR B 398 25.21 20.06 -2.84
N ALA B 399 24.56 19.00 -2.33
CA ALA B 399 25.30 17.80 -1.94
C ALA B 399 26.07 17.21 -3.10
N VAL B 400 25.48 17.21 -4.30
CA VAL B 400 26.18 16.73 -5.48
C VAL B 400 27.39 17.62 -5.78
N GLU B 401 27.25 18.93 -5.63
CA GLU B 401 28.39 19.80 -5.93
C GLU B 401 29.53 19.59 -4.93
N ARG B 402 29.21 19.63 -3.62
CA ARG B 402 30.24 19.42 -2.61
C ARG B 402 30.81 18.03 -2.69
N GLY B 403 29.97 17.04 -3.02
CA GLY B 403 30.46 15.68 -3.08
C GLY B 403 31.38 15.47 -4.26
N ASN B 404 31.07 16.11 -5.40
CA ASN B 404 31.98 16.07 -6.54
C ASN B 404 33.34 16.66 -6.18
N GLN B 405 33.37 17.71 -5.34
CA GLN B 405 34.64 18.28 -4.94
C GLN B 405 35.49 17.25 -4.21
N LEU B 406 34.87 16.54 -3.26
CA LEU B 406 35.59 15.47 -2.58
C LEU B 406 36.01 14.38 -3.56
N LEU B 407 35.17 14.10 -4.56
CA LEU B 407 35.56 13.12 -5.57
C LEU B 407 36.78 13.60 -6.35
N ARG B 408 36.81 14.88 -6.69
CA ARG B 408 37.98 15.42 -7.37
C ARG B 408 39.21 15.42 -6.47
N ARG B 409 39.06 15.76 -5.18
CA ARG B 409 40.19 15.71 -4.26
C ARG B 409 40.76 14.30 -4.19
N PHE B 410 39.89 13.30 -4.01
CA PHE B 410 40.34 11.91 -4.01
C PHE B 410 41.04 11.58 -5.32
N GLU B 411 40.44 11.98 -6.43
CA GLU B 411 41.02 11.70 -7.73
C GLU B 411 42.40 12.33 -7.87
N LYS B 412 42.61 13.47 -7.22
CA LYS B 412 43.91 14.14 -7.25
C LYS B 412 44.92 13.43 -6.37
N SER B 413 44.47 12.78 -5.30
CA SER B 413 45.40 12.02 -4.46
C SER B 413 45.81 10.71 -5.09
N THR B 414 45.33 10.39 -6.29
CA THR B 414 45.54 9.10 -6.92
C THR B 414 46.51 9.20 -8.11
C1 GOL C . 55.07 -10.40 9.77
O1 GOL C . 56.42 -10.62 10.05
C2 GOL C . 54.26 -11.10 10.88
O2 GOL C . 54.70 -10.75 12.15
C3 GOL C . 52.79 -10.79 10.67
O3 GOL C . 52.32 -11.34 9.46
#